data_4XSU
#
_entry.id   4XSU
#
_cell.length_a   130.991
_cell.length_b   130.991
_cell.length_c   156.327
_cell.angle_alpha   90.00
_cell.angle_beta   90.00
_cell.angle_gamma   120.00
#
_symmetry.space_group_name_H-M   'P 32 2 1'
#
loop_
_entity.id
_entity.type
_entity.pdbx_description
1 polymer 'Alr3699 protein'
2 non-polymer alpha-D-glucopyranose
3 non-polymer "URIDINE-5'-DIPHOSPHATE"
4 non-polymer 'SULFATE ION'
5 non-polymer GLYCEROL
6 water water
#
_entity_poly.entity_id   1
_entity_poly.type   'polypeptide(L)'
_entity_poly.pdbx_seq_one_letter_code
;HHHHHHMKILFLDQSGKPGGAELCLIDIAKPYRDRALVGLFADGAFKTLLEQHHIPVEVFTNQPIQVRKQSNLLQAFGSL
GQLAPLVAKVVQTAHEYDLIYANTQKALVVGAIASFIARRPLVYHLHDILSPEHFSQTNLRVAVNLANRFASLVIANSQA
SQTAFIQAGGRAELTKVIYNGFDINLYKTSPSDISKLRQQLGVANNFVVGHFSRLSPWKGQHILIDALAQCPPQVTAILV
GDALFGEQDYVKELHQQITRLGLENRVKFLGFRADIPQLMAACDLVAHTSTAPEPFGRVIVEAMLCGKPVVAAKAGGAME
LVEHGVNGFLTTPGESQELANIINTCIEDTQKTATIASNAQAIASQRFDVVTINQQIAETLSSLGFTR
;
_entity_poly.pdbx_strand_id   B,A
#
loop_
_chem_comp.id
_chem_comp.type
_chem_comp.name
_chem_comp.formula
GLC D-saccharide, alpha linking alpha-D-glucopyranose 'C6 H12 O6'
GOL non-polymer GLYCEROL 'C3 H8 O3'
SO4 non-polymer 'SULFATE ION' 'O4 S -2'
UDP RNA linking URIDINE-5'-DIPHOSPHATE 'C9 H14 N2 O12 P2'
#
# COMPACT_ATOMS: atom_id res chain seq x y z
N HIS A 6 20.39 -21.85 11.96
CA HIS A 6 19.96 -20.55 12.60
C HIS A 6 19.35 -19.62 11.55
N MET A 7 18.05 -19.39 11.67
CA MET A 7 17.30 -18.62 10.66
C MET A 7 17.64 -17.15 10.66
N LYS A 8 17.68 -16.57 9.47
CA LYS A 8 17.75 -15.13 9.32
C LYS A 8 16.35 -14.59 9.50
N ILE A 9 16.18 -13.55 10.32
CA ILE A 9 14.86 -13.00 10.59
C ILE A 9 14.85 -11.53 10.28
N LEU A 10 13.79 -11.08 9.61
CA LEU A 10 13.53 -9.67 9.38
C LEU A 10 12.38 -9.25 10.29
N PHE A 11 12.76 -8.57 11.37
CA PHE A 11 11.81 -8.01 12.31
C PHE A 11 11.43 -6.68 11.76
N LEU A 12 10.16 -6.35 11.85
CA LEU A 12 9.70 -5.05 11.43
C LEU A 12 8.91 -4.39 12.54
N ASP A 13 9.13 -3.09 12.70
CA ASP A 13 8.43 -2.32 13.69
C ASP A 13 8.23 -0.91 13.17
N GLN A 14 7.01 -0.42 13.21
CA GLN A 14 6.75 0.90 12.68
C GLN A 14 7.44 2.05 13.40
N SER A 15 7.68 1.92 14.70
CA SER A 15 8.12 3.08 15.50
C SER A 15 9.60 3.26 15.68
N GLY A 16 10.04 4.51 15.78
CA GLY A 16 11.44 4.81 16.08
C GLY A 16 11.65 5.11 17.56
N LYS A 17 10.54 5.29 18.28
CA LYS A 17 10.53 5.52 19.71
C LYS A 17 10.48 4.18 20.46
N PRO A 18 11.11 4.13 21.65
CA PRO A 18 11.18 2.88 22.43
C PRO A 18 9.96 2.69 23.35
N GLY A 19 8.82 2.35 22.75
CA GLY A 19 7.61 2.03 23.46
C GLY A 19 7.71 0.60 23.99
N GLY A 20 6.64 0.18 24.63
CA GLY A 20 6.57 -1.17 25.19
C GLY A 20 6.83 -2.28 24.20
N ALA A 21 6.18 -2.21 23.03
CA ALA A 21 6.33 -3.28 22.05
C ALA A 21 7.75 -3.32 21.59
N GLU A 22 8.32 -2.14 21.45
CA GLU A 22 9.68 -1.99 20.94
C GLU A 22 10.70 -2.50 21.95
N LEU A 23 10.57 -2.10 23.21
CA LEU A 23 11.42 -2.68 24.27
C LEU A 23 11.29 -4.17 24.32
N CYS A 24 10.06 -4.67 24.18
CA CYS A 24 9.86 -6.13 24.14
C CYS A 24 10.67 -6.77 23.04
N LEU A 25 10.75 -6.08 21.89
CA LEU A 25 11.38 -6.60 20.68
C LEU A 25 12.89 -6.76 20.83
N ILE A 26 13.49 -5.96 21.69
CA ILE A 26 14.93 -6.10 21.95
C ILE A 26 15.23 -7.49 22.49
N ASP A 27 14.41 -7.93 23.42
CA ASP A 27 14.60 -9.24 24.05
C ASP A 27 14.21 -10.36 23.11
N ILE A 28 13.18 -10.13 22.31
CA ILE A 28 12.76 -11.12 21.32
C ILE A 28 13.88 -11.36 20.33
N ALA A 29 14.48 -10.28 19.86
CA ALA A 29 15.42 -10.31 18.75
C ALA A 29 16.86 -10.63 19.12
N LYS A 30 17.25 -10.33 20.36
CA LYS A 30 18.66 -10.37 20.72
C LYS A 30 19.34 -11.72 20.46
N PRO A 31 18.67 -12.83 20.80
CA PRO A 31 19.31 -14.11 20.54
C PRO A 31 19.53 -14.40 19.03
N TYR A 32 18.90 -13.62 18.16
CA TYR A 32 18.95 -13.87 16.73
C TYR A 32 19.75 -12.82 15.99
N ARG A 33 20.34 -11.89 16.73
CA ARG A 33 21.04 -10.72 16.16
C ARG A 33 22.20 -11.04 15.20
N ASP A 34 22.75 -12.23 15.37
CA ASP A 34 23.89 -12.66 14.56
C ASP A 34 23.48 -12.64 13.09
N ARG A 35 22.31 -13.21 12.80
CA ARG A 35 21.77 -13.29 11.43
C ARG A 35 20.45 -12.51 11.17
N ALA A 36 20.06 -11.58 12.05
CA ALA A 36 18.76 -10.91 11.94
C ALA A 36 18.88 -9.45 11.55
N LEU A 37 17.72 -8.82 11.32
CA LEU A 37 17.66 -7.38 11.09
C LEU A 37 16.32 -6.77 11.55
N VAL A 38 16.42 -5.63 12.20
CA VAL A 38 15.24 -4.96 12.66
C VAL A 38 15.07 -3.76 11.77
N GLY A 39 13.95 -3.74 11.06
CA GLY A 39 13.64 -2.68 10.16
C GLY A 39 12.58 -1.82 10.79
N LEU A 40 12.85 -0.52 10.83
CA LEU A 40 11.96 0.44 11.43
C LEU A 40 11.47 1.35 10.35
N PHE A 41 10.28 1.90 10.53
CA PHE A 41 9.67 2.77 9.54
C PHE A 41 9.84 4.21 9.91
N ALA A 42 10.77 4.47 10.82
CA ALA A 42 10.99 5.80 11.37
C ALA A 42 12.22 5.72 12.26
N ASP A 43 12.88 6.85 12.42
CA ASP A 43 14.13 6.93 13.16
C ASP A 43 13.85 7.49 14.55
N GLY A 44 14.73 7.17 15.50
CA GLY A 44 14.62 7.73 16.83
C GLY A 44 15.44 6.95 17.82
N ALA A 45 15.20 7.20 19.10
CA ALA A 45 15.99 6.62 20.19
C ALA A 45 16.03 5.09 20.15
N PHE A 46 14.95 4.48 19.71
CA PHE A 46 14.91 3.00 19.60
C PHE A 46 16.02 2.45 18.72
N LYS A 47 16.38 3.19 17.68
CA LYS A 47 17.50 2.76 16.84
C LYS A 47 18.78 2.66 17.68
N THR A 48 19.07 3.75 18.38
CA THR A 48 20.20 3.82 19.29
C THR A 48 20.22 2.60 20.24
N LEU A 49 19.08 2.32 20.87
CA LEU A 49 18.97 1.18 21.76
C LEU A 49 19.37 -0.11 21.12
N LEU A 50 18.84 -0.36 19.91
CA LEU A 50 19.19 -1.58 19.18
C LEU A 50 20.67 -1.62 18.88
N GLU A 51 21.22 -0.46 18.53
CA GLU A 51 22.66 -0.34 18.34
C GLU A 51 23.37 -0.74 19.62
N GLN A 52 22.96 -0.18 20.75
CA GLN A 52 23.60 -0.47 22.04
C GLN A 52 23.56 -1.95 22.45
N HIS A 53 22.56 -2.67 21.96
CA HIS A 53 22.44 -4.08 22.20
C HIS A 53 23.03 -4.91 21.08
N HIS A 54 23.67 -4.24 20.11
CA HIS A 54 24.35 -4.92 19.00
C HIS A 54 23.36 -5.79 18.21
N ILE A 55 22.17 -5.22 18.01
CA ILE A 55 21.15 -5.78 17.15
C ILE A 55 21.13 -4.93 15.87
N PRO A 56 21.39 -5.55 14.70
CA PRO A 56 21.46 -4.78 13.46
C PRO A 56 20.12 -4.12 13.16
N VAL A 57 20.16 -2.88 12.70
CA VAL A 57 18.93 -2.14 12.53
C VAL A 57 19.05 -1.21 11.33
N GLU A 58 17.94 -1.02 10.63
CA GLU A 58 17.92 -0.13 9.49
C GLU A 58 16.62 0.64 9.45
N VAL A 59 16.72 1.93 9.17
CA VAL A 59 15.53 2.76 9.04
C VAL A 59 15.09 2.82 7.58
N PHE A 60 13.84 2.44 7.32
CA PHE A 60 13.24 2.57 5.99
C PHE A 60 12.39 3.83 5.89
N THR A 61 12.43 4.47 4.72
CA THR A 61 11.63 5.67 4.44
C THR A 61 10.70 5.41 3.25
N ASN A 62 9.78 6.34 3.01
CA ASN A 62 8.87 6.25 1.86
C ASN A 62 9.36 7.17 0.71
N GLN A 63 10.67 7.46 0.66
CA GLN A 63 11.31 8.19 -0.43
C GLN A 63 11.60 7.26 -1.61
N PRO A 64 11.58 7.78 -2.85
CA PRO A 64 11.75 6.88 -4.02
C PRO A 64 13.17 6.37 -4.25
N PHE A 77 11.45 -5.51 -8.39
CA PHE A 77 10.12 -5.57 -7.81
C PHE A 77 9.04 -5.19 -8.82
N GLY A 78 8.42 -4.02 -8.63
CA GLY A 78 7.36 -3.56 -9.49
C GLY A 78 7.41 -2.07 -9.76
N SER A 79 6.73 -1.67 -10.80
CA SER A 79 6.48 -0.26 -11.04
C SER A 79 5.54 0.17 -9.95
N LEU A 80 4.85 -0.80 -9.40
CA LEU A 80 3.87 -0.62 -8.33
C LEU A 80 4.49 0.05 -7.09
N GLY A 81 5.80 -0.15 -6.91
CA GLY A 81 6.56 0.45 -5.83
C GLY A 81 6.51 1.97 -5.76
N GLN A 82 6.06 2.64 -6.82
CA GLN A 82 5.85 4.09 -6.77
C GLN A 82 4.68 4.46 -5.87
N LEU A 83 3.78 3.49 -5.68
CA LEU A 83 2.62 3.71 -4.80
C LEU A 83 2.98 3.81 -3.33
N ALA A 84 4.09 3.17 -2.94
CA ALA A 84 4.52 3.01 -1.55
C ALA A 84 5.98 2.48 -1.50
N PRO A 85 6.95 3.39 -1.65
CA PRO A 85 8.38 3.01 -1.76
C PRO A 85 8.91 2.15 -0.60
N LEU A 86 8.55 2.53 0.61
CA LEU A 86 8.91 1.79 1.82
C LEU A 86 8.56 0.33 1.66
N VAL A 87 7.34 0.08 1.21
CA VAL A 87 6.91 -1.29 0.99
C VAL A 87 7.82 -1.99 0.01
N ALA A 88 8.26 -1.28 -1.00
CA ALA A 88 9.09 -1.87 -2.05
C ALA A 88 10.46 -2.23 -1.49
N LYS A 89 11.04 -1.31 -0.72
CA LYS A 89 12.31 -1.58 -0.08
C LYS A 89 12.23 -2.76 0.89
N VAL A 90 11.17 -2.83 1.69
CA VAL A 90 11.05 -3.91 2.66
C VAL A 90 10.89 -5.23 1.93
N VAL A 91 10.12 -5.18 0.84
CA VAL A 91 9.89 -6.37 -0.01
C VAL A 91 11.23 -6.85 -0.58
N GLN A 92 12.01 -5.92 -1.11
CA GLN A 92 13.34 -6.21 -1.65
C GLN A 92 14.17 -6.89 -0.57
N THR A 93 14.37 -6.16 0.53
CA THR A 93 15.17 -6.62 1.66
C THR A 93 14.79 -8.04 2.11
N ALA A 94 13.50 -8.34 2.10
CA ALA A 94 12.98 -9.63 2.58
C ALA A 94 13.46 -10.86 1.81
N HIS A 95 13.91 -10.69 0.58
CA HIS A 95 14.45 -11.84 -0.17
C HIS A 95 15.67 -12.47 0.52
N GLU A 96 16.41 -11.67 1.32
CA GLU A 96 17.61 -12.15 2.00
C GLU A 96 17.37 -12.87 3.35
N TYR A 97 16.12 -12.97 3.80
CA TYR A 97 15.83 -13.53 5.12
C TYR A 97 14.86 -14.68 4.98
N ASP A 98 14.78 -15.52 6.01
CA ASP A 98 13.97 -16.73 5.95
C ASP A 98 12.56 -16.51 6.46
N LEU A 99 12.39 -15.51 7.32
CA LEU A 99 11.12 -15.32 8.02
C LEU A 99 10.94 -13.85 8.20
N ILE A 100 9.69 -13.40 8.24
CA ILE A 100 9.39 -12.01 8.49
C ILE A 100 8.61 -11.98 9.78
N TYR A 101 9.04 -11.07 10.67
CA TYR A 101 8.53 -11.01 12.03
C TYR A 101 7.99 -9.65 12.27
N ALA A 102 6.67 -9.54 12.23
CA ALA A 102 6.03 -8.25 12.32
C ALA A 102 5.54 -7.96 13.75
N ASN A 103 5.94 -6.81 14.29
CA ASN A 103 5.76 -6.49 15.70
C ASN A 103 4.75 -5.40 15.95
N THR A 104 4.20 -4.77 14.90
CA THR A 104 3.18 -3.75 15.07
C THR A 104 2.23 -3.82 13.90
N GLN A 105 1.14 -3.06 14.01
CA GLN A 105 0.10 -3.07 13.01
C GLN A 105 0.55 -2.63 11.59
N LYS A 106 1.17 -1.47 11.47
CA LYS A 106 1.72 -1.05 10.21
C LYS A 106 2.76 -2.02 9.75
N ALA A 107 3.49 -2.63 10.66
CA ALA A 107 4.48 -3.58 10.21
C ALA A 107 3.83 -4.84 9.71
N LEU A 108 2.58 -5.09 10.12
CA LEU A 108 1.87 -6.26 9.60
C LEU A 108 1.43 -6.01 8.13
N VAL A 109 0.88 -4.83 7.87
CA VAL A 109 0.50 -4.44 6.53
C VAL A 109 1.67 -4.68 5.55
N VAL A 110 2.79 -4.05 5.87
CA VAL A 110 3.96 -4.12 5.01
C VAL A 110 4.48 -5.52 4.92
N GLY A 111 4.52 -6.19 6.06
CA GLY A 111 5.11 -7.52 6.14
C GLY A 111 4.27 -8.58 5.48
N ALA A 112 2.95 -8.40 5.52
CA ALA A 112 2.05 -9.24 4.73
C ALA A 112 2.37 -9.09 3.22
N ILE A 113 2.55 -7.87 2.77
CA ILE A 113 2.83 -7.63 1.37
C ILE A 113 4.16 -8.25 0.96
N ALA A 114 5.22 -7.97 1.71
CA ALA A 114 6.51 -8.63 1.49
C ALA A 114 6.48 -10.14 1.65
N SER A 115 5.60 -10.66 2.48
CA SER A 115 5.51 -12.10 2.62
C SER A 115 5.03 -12.72 1.31
N PHE A 116 3.95 -12.17 0.77
CA PHE A 116 3.42 -12.63 -0.51
C PHE A 116 4.42 -12.55 -1.67
N ILE A 117 4.95 -11.36 -1.88
CA ILE A 117 5.79 -11.10 -3.00
C ILE A 117 7.15 -11.78 -2.91
N ALA A 118 7.73 -11.86 -1.71
CA ALA A 118 9.00 -12.55 -1.56
C ALA A 118 8.84 -14.01 -1.22
N ARG A 119 7.60 -14.47 -1.04
CA ARG A 119 7.35 -15.87 -0.68
C ARG A 119 8.21 -16.24 0.54
N ARG A 120 7.90 -15.59 1.65
CA ARG A 120 8.54 -15.81 2.96
C ARG A 120 7.45 -15.84 4.00
N PRO A 121 7.53 -16.80 4.93
CA PRO A 121 6.50 -16.92 5.97
C PRO A 121 6.49 -15.71 6.90
N LEU A 122 5.34 -15.45 7.50
CA LEU A 122 5.15 -14.27 8.27
C LEU A 122 4.72 -14.66 9.67
N VAL A 123 5.32 -13.99 10.67
CA VAL A 123 4.86 -14.12 12.05
C VAL A 123 4.39 -12.78 12.53
N TYR A 124 3.22 -12.74 13.12
CA TYR A 124 2.70 -11.50 13.65
C TYR A 124 2.75 -11.55 15.18
N HIS A 125 3.59 -10.71 15.76
CA HIS A 125 3.59 -10.53 17.20
C HIS A 125 2.61 -9.45 17.60
N LEU A 126 1.53 -9.87 18.24
CA LEU A 126 0.44 -9.00 18.60
C LEU A 126 0.63 -8.44 20.02
N HIS A 127 0.85 -7.12 20.14
CA HIS A 127 1.02 -6.47 21.43
C HIS A 127 -0.16 -5.59 21.77
N ASP A 128 -1.20 -5.62 20.95
CA ASP A 128 -2.35 -4.75 21.20
C ASP A 128 -3.58 -5.60 21.51
N ILE A 129 -4.60 -4.93 22.02
CA ILE A 129 -5.90 -5.49 22.26
C ILE A 129 -6.76 -4.87 21.15
N LEU A 130 -7.12 -5.72 20.18
CA LEU A 130 -7.78 -5.25 18.97
C LEU A 130 -9.23 -5.18 19.24
N SER A 131 -9.64 -4.07 19.84
CA SER A 131 -11.02 -3.88 20.25
C SER A 131 -11.42 -2.52 19.79
N PRO A 132 -12.73 -2.27 19.66
CA PRO A 132 -13.27 -0.97 19.25
C PRO A 132 -12.89 0.19 20.15
N GLU A 133 -12.42 -0.12 21.35
CA GLU A 133 -12.05 0.91 22.30
C GLU A 133 -10.66 1.42 21.95
N HIS A 134 -9.76 0.51 21.62
CA HIS A 134 -8.42 0.91 21.28
C HIS A 134 -8.26 1.38 19.83
N PHE A 135 -9.01 0.81 18.90
CA PHE A 135 -8.77 1.04 17.45
C PHE A 135 -10.04 1.21 16.62
N SER A 136 -9.87 1.85 15.45
CA SER A 136 -10.94 1.97 14.43
C SER A 136 -11.32 0.61 13.85
N GLN A 137 -12.54 0.55 13.31
CA GLN A 137 -13.03 -0.66 12.68
C GLN A 137 -12.09 -1.11 11.54
N THR A 138 -11.69 -0.13 10.74
CA THR A 138 -10.81 -0.39 9.63
C THR A 138 -9.54 -1.08 10.09
N ASN A 139 -8.91 -0.50 11.11
CA ASN A 139 -7.69 -1.07 11.69
C ASN A 139 -7.88 -2.49 12.18
N LEU A 140 -9.01 -2.75 12.82
CA LEU A 140 -9.33 -4.13 13.22
C LEU A 140 -9.48 -5.04 12.02
N ARG A 141 -10.27 -4.60 11.05
CA ARG A 141 -10.54 -5.40 9.90
C ARG A 141 -9.29 -5.67 9.14
N VAL A 142 -8.45 -4.68 9.00
CA VAL A 142 -7.21 -4.92 8.30
C VAL A 142 -6.32 -5.94 8.98
N ALA A 143 -6.07 -5.74 10.28
CA ALA A 143 -5.10 -6.60 10.99
C ALA A 143 -5.57 -8.06 10.98
N VAL A 144 -6.83 -8.24 11.31
CA VAL A 144 -7.40 -9.59 11.35
C VAL A 144 -7.34 -10.29 9.99
N ASN A 145 -7.79 -9.58 8.95
CA ASN A 145 -7.73 -10.14 7.59
C ASN A 145 -6.32 -10.42 7.12
N LEU A 146 -5.38 -9.50 7.33
CA LEU A 146 -4.01 -9.81 6.89
C LEU A 146 -3.41 -10.93 7.71
N ALA A 147 -3.74 -10.98 9.01
CA ALA A 147 -3.17 -12.00 9.88
C ALA A 147 -3.72 -13.35 9.46
N ASN A 148 -5.05 -13.42 9.38
CA ASN A 148 -5.70 -14.66 8.95
C ASN A 148 -5.16 -15.21 7.66
N ARG A 149 -4.86 -14.33 6.71
CA ARG A 149 -4.51 -14.74 5.38
C ARG A 149 -3.04 -15.01 5.26
N PHE A 150 -2.19 -14.18 5.84
CA PHE A 150 -0.74 -14.31 5.57
C PHE A 150 0.13 -14.83 6.73
N ALA A 151 -0.36 -14.73 7.96
CA ALA A 151 0.48 -15.04 9.09
C ALA A 151 0.47 -16.52 9.37
N SER A 152 1.64 -17.16 9.35
CA SER A 152 1.77 -18.55 9.82
C SER A 152 1.53 -18.70 11.32
N LEU A 153 1.63 -17.61 12.07
CA LEU A 153 1.54 -17.62 13.52
C LEU A 153 1.28 -16.25 14.05
N VAL A 154 0.38 -16.17 15.01
CA VAL A 154 0.08 -14.93 15.71
C VAL A 154 0.45 -15.08 17.20
N ILE A 155 1.59 -14.55 17.60
CA ILE A 155 2.03 -14.57 19.00
C ILE A 155 1.41 -13.44 19.77
N ALA A 156 0.51 -13.74 20.71
CA ALA A 156 -0.10 -12.72 21.54
C ALA A 156 0.64 -12.53 22.87
N ASN A 157 0.63 -11.31 23.39
CA ASN A 157 1.38 -11.01 24.60
C ASN A 157 0.50 -11.30 25.83
N SER A 158 -0.71 -11.78 25.61
CA SER A 158 -1.63 -11.96 26.71
C SER A 158 -2.91 -12.63 26.25
N GLN A 159 -3.56 -13.34 27.15
CA GLN A 159 -4.80 -13.99 26.83
C GLN A 159 -5.81 -12.94 26.53
N ALA A 160 -5.69 -11.80 27.19
CA ALA A 160 -6.58 -10.69 26.89
C ALA A 160 -6.48 -10.30 25.41
N SER A 161 -5.27 -10.38 24.84
CA SER A 161 -4.98 -9.94 23.47
C SER A 161 -5.49 -11.01 22.50
N GLN A 162 -5.08 -12.25 22.74
CA GLN A 162 -5.65 -13.41 22.05
C GLN A 162 -7.16 -13.38 21.94
N THR A 163 -7.84 -13.16 23.05
CA THR A 163 -9.28 -13.15 23.06
C THR A 163 -9.82 -12.06 22.19
N ALA A 164 -9.25 -10.87 22.29
CA ALA A 164 -9.82 -9.75 21.56
C ALA A 164 -9.58 -9.93 20.04
N PHE A 165 -8.48 -10.55 19.67
CA PHE A 165 -8.18 -10.89 18.32
C PHE A 165 -9.36 -11.74 17.82
N ILE A 166 -9.59 -12.85 18.51
CA ILE A 166 -10.57 -13.82 18.10
C ILE A 166 -11.94 -13.19 18.04
N GLN A 167 -12.25 -12.35 19.00
CA GLN A 167 -13.57 -11.72 19.00
C GLN A 167 -13.77 -10.76 17.83
N ALA A 168 -12.65 -10.31 17.25
CA ALA A 168 -12.67 -9.39 16.11
C ALA A 168 -12.61 -10.14 14.77
N GLY A 169 -12.51 -11.46 14.81
CA GLY A 169 -12.55 -12.28 13.60
C GLY A 169 -11.31 -13.12 13.40
N GLY A 170 -10.33 -12.96 14.25
CA GLY A 170 -9.07 -13.67 14.06
C GLY A 170 -9.20 -15.15 14.25
N ARG A 171 -8.23 -15.88 13.72
CA ARG A 171 -8.29 -17.30 13.69
C ARG A 171 -7.64 -17.85 14.96
N ALA A 172 -8.50 -18.24 15.90
CA ALA A 172 -8.07 -18.98 17.10
C ALA A 172 -6.86 -19.89 16.90
N GLU A 173 -6.78 -20.68 15.83
CA GLU A 173 -5.71 -21.68 15.71
C GLU A 173 -4.39 -21.14 15.26
N LEU A 174 -4.36 -19.86 14.93
CA LEU A 174 -3.07 -19.21 14.64
C LEU A 174 -2.37 -18.69 15.94
N THR A 175 -3.17 -18.44 16.98
CA THR A 175 -2.69 -17.78 18.19
C THR A 175 -1.89 -18.69 19.16
N LYS A 176 -0.86 -18.12 19.76
CA LYS A 176 -0.09 -18.69 20.88
C LYS A 176 0.29 -17.52 21.79
N VAL A 177 -0.22 -17.52 23.02
CA VAL A 177 0.12 -16.53 24.06
C VAL A 177 1.56 -16.75 24.55
N ILE A 178 2.44 -15.78 24.33
CA ILE A 178 3.81 -15.79 24.87
C ILE A 178 4.05 -14.44 25.55
N TYR A 179 4.18 -14.48 26.87
CA TYR A 179 4.30 -13.27 27.72
C TYR A 179 5.62 -12.54 27.49
N ASN A 180 5.68 -11.24 27.82
CA ASN A 180 6.95 -10.48 27.74
C ASN A 180 7.96 -11.08 28.71
N GLY A 181 9.22 -11.02 28.35
CA GLY A 181 10.32 -11.47 29.19
C GLY A 181 11.13 -10.30 29.76
N PHE A 182 11.91 -10.57 30.82
CA PHE A 182 12.71 -9.53 31.49
C PHE A 182 14.06 -10.03 31.99
N ASP A 183 15.09 -9.20 31.87
CA ASP A 183 16.40 -9.59 32.42
C ASP A 183 16.39 -9.36 33.94
N ILE A 184 16.44 -10.44 34.71
CA ILE A 184 16.28 -10.37 36.18
C ILE A 184 17.43 -9.60 36.87
N ASN A 185 18.64 -9.78 36.34
CA ASN A 185 19.81 -9.04 36.78
C ASN A 185 19.70 -7.51 36.72
N LEU A 186 18.66 -6.97 36.09
CA LEU A 186 18.57 -5.53 35.96
C LEU A 186 17.72 -4.97 37.05
N TYR A 187 16.95 -5.81 37.73
CA TYR A 187 15.90 -5.31 38.62
C TYR A 187 16.30 -5.35 40.11
N LYS A 188 17.58 -5.09 40.38
CA LYS A 188 18.14 -5.01 41.73
C LYS A 188 18.94 -3.73 41.96
N THR A 189 18.73 -3.09 43.12
CA THR A 189 19.38 -1.82 43.42
C THR A 189 19.85 -1.76 44.89
N SER A 190 21.01 -1.12 45.10
CA SER A 190 21.59 -0.91 46.42
C SER A 190 20.71 -0.02 47.27
N PRO A 191 20.51 -0.41 48.54
CA PRO A 191 19.87 0.49 49.50
C PRO A 191 20.49 1.89 49.48
N SER A 192 21.81 1.96 49.34
CA SER A 192 22.52 3.25 49.30
C SER A 192 22.13 4.06 48.08
N ASP A 193 22.01 3.37 46.95
CA ASP A 193 21.58 3.99 45.70
C ASP A 193 20.14 4.42 45.81
N ILE A 194 19.37 3.62 46.53
CA ILE A 194 17.98 3.96 46.75
C ILE A 194 17.88 5.28 47.49
N SER A 195 18.65 5.40 48.57
CA SER A 195 18.67 6.63 49.40
C SER A 195 19.12 7.86 48.64
N LYS A 196 20.17 7.71 47.85
CA LYS A 196 20.66 8.86 47.06
C LYS A 196 19.55 9.35 46.14
N LEU A 197 18.92 8.42 45.43
CA LEU A 197 17.92 8.78 44.43
C LEU A 197 16.71 9.42 45.09
N ARG A 198 16.20 8.81 46.16
CA ARG A 198 15.09 9.42 46.91
C ARG A 198 15.51 10.83 47.36
N GLN A 199 16.78 10.97 47.73
CA GLN A 199 17.33 12.27 48.12
C GLN A 199 17.31 13.26 46.95
N GLN A 200 17.96 12.89 45.84
CA GLN A 200 17.96 13.71 44.64
C GLN A 200 16.55 14.14 44.26
N LEU A 201 15.61 13.23 44.37
CA LEU A 201 14.21 13.53 44.01
C LEU A 201 13.49 14.40 45.03
N GLY A 202 14.00 14.44 46.26
CA GLY A 202 13.43 15.31 47.30
C GLY A 202 12.17 14.67 47.84
N VAL A 203 12.28 13.39 48.19
CA VAL A 203 11.12 12.60 48.64
C VAL A 203 11.52 11.64 49.74
N ALA A 204 12.60 11.95 50.44
CA ALA A 204 13.16 10.98 51.39
C ALA A 204 12.21 10.65 52.53
N ASN A 205 11.34 11.60 52.89
CA ASN A 205 10.34 11.37 53.95
C ASN A 205 8.92 11.40 53.42
N ASN A 206 8.76 10.96 52.17
CA ASN A 206 7.46 10.78 51.54
C ASN A 206 7.09 9.32 51.41
N PHE A 207 5.78 9.07 51.33
CA PHE A 207 5.34 7.78 50.80
C PHE A 207 5.25 7.97 49.29
N VAL A 208 6.13 7.32 48.55
CA VAL A 208 6.19 7.59 47.10
C VAL A 208 5.43 6.57 46.22
N VAL A 209 4.40 7.09 45.53
CA VAL A 209 3.70 6.34 44.48
C VAL A 209 4.26 6.69 43.07
N GLY A 210 4.87 5.72 42.43
CA GLY A 210 5.38 5.92 41.08
C GLY A 210 4.50 5.39 39.95
N HIS A 211 4.22 6.24 38.97
CA HIS A 211 3.44 5.90 37.78
C HIS A 211 4.38 5.98 36.60
N PHE A 212 4.63 4.85 35.94
CA PHE A 212 5.61 4.72 34.89
C PHE A 212 5.00 4.48 33.50
N SER A 213 4.20 5.42 33.04
CA SER A 213 3.57 5.26 31.76
C SER A 213 3.63 6.52 30.93
N ARG A 214 3.69 6.35 29.61
CA ARG A 214 3.60 7.49 28.71
C ARG A 214 2.30 8.26 29.02
N LEU A 215 2.31 9.55 28.76
CA LEU A 215 1.21 10.39 29.19
C LEU A 215 0.13 10.46 28.12
N SER A 216 -0.78 9.50 28.12
CA SER A 216 -2.00 9.53 27.29
C SER A 216 -3.19 9.32 28.22
N PRO A 217 -4.30 9.99 27.93
CA PRO A 217 -5.51 9.84 28.76
C PRO A 217 -5.83 8.41 29.17
N TRP A 218 -5.62 7.43 28.29
CA TRP A 218 -6.01 6.06 28.59
C TRP A 218 -5.04 5.40 29.58
N LYS A 219 -3.86 6.00 29.80
CA LYS A 219 -2.97 5.52 30.85
C LYS A 219 -3.38 6.00 32.26
N GLY A 220 -4.35 6.89 32.34
CA GLY A 220 -5.00 7.23 33.61
C GLY A 220 -4.15 7.87 34.70
N GLN A 221 -3.18 8.71 34.34
CA GLN A 221 -2.45 9.50 35.33
C GLN A 221 -3.44 10.37 36.14
N HIS A 222 -4.42 10.92 35.46
CA HIS A 222 -5.42 11.75 36.10
C HIS A 222 -6.21 11.01 37.17
N ILE A 223 -6.24 9.68 37.11
CA ILE A 223 -6.93 8.88 38.13
C ILE A 223 -6.06 8.83 39.39
N LEU A 224 -4.78 8.52 39.23
CA LEU A 224 -3.85 8.56 40.36
C LEU A 224 -3.87 9.93 41.06
N ILE A 225 -3.91 10.98 40.27
CA ILE A 225 -3.99 12.32 40.79
C ILE A 225 -5.25 12.54 41.64
N ASP A 226 -6.43 12.16 41.15
CA ASP A 226 -7.64 12.21 41.99
C ASP A 226 -7.44 11.40 43.31
N ALA A 227 -6.80 10.24 43.21
CA ALA A 227 -6.59 9.42 44.38
C ALA A 227 -5.74 10.15 45.41
N LEU A 228 -4.70 10.86 44.97
CA LEU A 228 -3.79 11.54 45.90
C LEU A 228 -4.50 12.44 46.90
N ALA A 229 -5.45 13.22 46.40
CA ALA A 229 -6.22 14.11 47.25
C ALA A 229 -6.97 13.38 48.36
N GLN A 230 -7.08 12.06 48.25
CA GLN A 230 -7.77 11.20 49.23
C GLN A 230 -6.76 10.38 49.99
N CYS A 231 -5.50 10.80 49.94
CA CYS A 231 -4.43 10.05 50.57
C CYS A 231 -3.89 10.89 51.72
N PRO A 232 -3.14 10.24 52.64
CA PRO A 232 -2.42 10.97 53.68
C PRO A 232 -1.42 11.95 53.07
N PRO A 233 -1.06 13.01 53.81
CA PRO A 233 -0.35 14.13 53.18
C PRO A 233 1.15 13.95 52.95
N GLN A 234 1.76 12.93 53.52
CA GLN A 234 3.13 12.61 53.22
C GLN A 234 3.27 11.87 51.87
N VAL A 235 2.13 11.60 51.24
CA VAL A 235 2.10 10.81 50.01
C VAL A 235 2.31 11.72 48.81
N THR A 236 3.29 11.35 48.00
CA THR A 236 3.58 12.06 46.77
C THR A 236 3.76 11.10 45.60
N ALA A 237 3.54 11.65 44.41
CA ALA A 237 3.61 10.85 43.20
C ALA A 237 4.74 11.33 42.33
N ILE A 238 5.42 10.39 41.71
CA ILE A 238 6.21 10.72 40.53
C ILE A 238 5.57 10.11 39.26
N LEU A 239 5.39 10.94 38.25
CA LEU A 239 4.91 10.52 36.93
C LEU A 239 6.12 10.45 36.00
N VAL A 240 6.42 9.25 35.55
CA VAL A 240 7.58 9.02 34.72
C VAL A 240 7.06 8.56 33.36
N GLY A 241 7.35 9.40 32.35
CA GLY A 241 6.94 9.17 30.98
C GLY A 241 6.91 10.42 30.10
N ASP A 242 6.85 10.14 28.80
CA ASP A 242 6.91 11.13 27.75
C ASP A 242 5.50 11.39 27.31
N ALA A 243 5.21 12.62 26.88
CA ALA A 243 3.97 12.91 26.16
C ALA A 243 4.25 12.98 24.66
N LEU A 244 3.30 12.55 23.85
CA LEU A 244 3.38 12.83 22.41
C LEU A 244 2.96 14.28 22.19
N PHE A 245 3.52 14.92 21.16
CA PHE A 245 2.96 16.16 20.63
C PHE A 245 1.47 15.85 20.32
N GLY A 246 0.58 16.79 20.60
CA GLY A 246 -0.84 16.58 20.31
C GLY A 246 -1.60 15.86 21.41
N GLU A 247 -0.87 15.25 22.34
CA GLU A 247 -1.42 14.94 23.65
C GLU A 247 -0.84 15.87 24.73
N GLN A 248 -0.31 17.02 24.29
CA GLN A 248 0.08 18.12 25.18
C GLN A 248 -1.14 18.75 25.83
N ASP A 249 -2.30 18.63 25.20
CA ASP A 249 -3.54 19.10 25.82
C ASP A 249 -3.87 18.28 27.05
N TYR A 250 -3.44 17.02 27.08
CA TYR A 250 -3.64 16.15 28.22
C TYR A 250 -2.69 16.58 29.35
N VAL A 251 -1.44 16.79 28.99
CA VAL A 251 -0.45 17.22 29.97
C VAL A 251 -0.88 18.53 30.64
N LYS A 252 -1.52 19.41 29.88
CA LYS A 252 -1.98 20.67 30.46
C LYS A 252 -3.08 20.38 31.45
N GLU A 253 -3.98 19.45 31.12
CA GLU A 253 -5.10 19.10 32.00
C GLU A 253 -4.61 18.54 33.31
N LEU A 254 -3.59 17.70 33.27
CA LEU A 254 -3.01 17.16 34.50
C LEU A 254 -2.52 18.28 35.37
N HIS A 255 -1.78 19.22 34.78
CA HIS A 255 -1.21 20.34 35.54
C HIS A 255 -2.28 21.21 36.15
N GLN A 256 -3.36 21.44 35.41
CA GLN A 256 -4.51 22.18 35.92
C GLN A 256 -5.18 21.43 37.05
N GLN A 257 -5.38 20.12 36.84
CA GLN A 257 -5.95 19.24 37.84
C GLN A 257 -5.11 19.28 39.10
N ILE A 258 -3.82 19.11 38.94
CA ILE A 258 -2.90 19.11 40.06
C ILE A 258 -3.11 20.38 40.88
N THR A 259 -3.14 21.51 40.20
CA THR A 259 -3.27 22.80 40.88
C THR A 259 -4.62 22.94 41.58
N ARG A 260 -5.68 22.52 40.90
CA ARG A 260 -7.03 22.56 41.43
C ARG A 260 -7.16 21.81 42.74
N LEU A 261 -6.37 20.77 42.93
CA LEU A 261 -6.49 19.94 44.13
C LEU A 261 -5.40 20.25 45.15
N GLY A 262 -4.71 21.36 45.00
CA GLY A 262 -3.59 21.70 45.91
C GLY A 262 -2.50 20.65 45.99
N LEU A 263 -2.13 20.09 44.86
CA LEU A 263 -1.14 19.02 44.83
C LEU A 263 0.15 19.42 44.11
N GLU A 264 0.30 20.71 43.77
CA GLU A 264 1.51 21.22 43.10
C GLU A 264 2.80 20.71 43.73
N ASN A 265 2.84 20.53 45.05
CA ASN A 265 4.08 20.14 45.71
C ASN A 265 4.16 18.66 46.04
N ARG A 266 3.21 17.90 45.49
CA ARG A 266 3.11 16.48 45.78
C ARG A 266 3.13 15.60 44.52
N VAL A 267 3.25 16.23 43.36
CA VAL A 267 3.36 15.49 42.10
C VAL A 267 4.47 16.07 41.27
N LYS A 268 5.43 15.24 40.89
CA LYS A 268 6.46 15.71 40.00
C LYS A 268 6.61 14.86 38.74
N PHE A 269 6.73 15.56 37.61
CA PHE A 269 6.97 14.96 36.30
C PHE A 269 8.47 14.84 36.05
N LEU A 270 8.93 13.67 35.69
CA LEU A 270 10.35 13.42 35.45
C LEU A 270 10.63 13.26 33.96
N GLY A 271 9.60 13.37 33.14
CA GLY A 271 9.69 12.96 31.72
C GLY A 271 10.25 11.57 31.49
N PHE A 272 10.67 11.31 30.28
CA PHE A 272 11.13 9.99 29.94
C PHE A 272 12.45 9.74 30.63
N ARG A 273 12.60 8.54 31.17
CA ARG A 273 13.75 8.15 31.93
C ARG A 273 14.17 6.73 31.57
N ALA A 274 15.46 6.47 31.60
CA ALA A 274 15.99 5.14 31.31
C ALA A 274 16.29 4.34 32.57
N ASP A 275 16.40 4.99 33.72
CA ASP A 275 16.75 4.30 34.98
C ASP A 275 15.48 3.85 35.74
N ILE A 276 14.70 2.98 35.10
CA ILE A 276 13.37 2.58 35.59
C ILE A 276 13.44 1.66 36.81
N PRO A 277 14.24 0.60 36.73
CA PRO A 277 14.40 -0.25 37.92
C PRO A 277 14.77 0.58 39.15
N GLN A 278 15.69 1.54 38.97
CA GLN A 278 16.16 2.37 40.07
C GLN A 278 15.03 3.22 40.62
N LEU A 279 14.30 3.87 39.75
CA LEU A 279 13.23 4.74 40.19
C LEU A 279 12.07 3.95 40.85
N MET A 280 11.88 2.70 40.43
CA MET A 280 10.86 1.87 41.04
C MET A 280 11.28 1.52 42.47
N ALA A 281 12.55 1.18 42.63
CA ALA A 281 13.16 0.91 43.93
C ALA A 281 12.98 2.08 44.92
N ALA A 282 13.10 3.30 44.40
CA ALA A 282 12.91 4.50 45.15
C ALA A 282 11.47 4.78 45.50
N CYS A 283 10.54 4.03 44.94
CA CYS A 283 9.14 4.22 45.28
C CYS A 283 8.74 3.29 46.41
N ASP A 284 7.63 3.62 47.04
CA ASP A 284 7.03 2.77 48.06
C ASP A 284 5.90 1.93 47.43
N LEU A 285 5.10 2.57 46.56
CA LEU A 285 4.12 1.87 45.74
C LEU A 285 4.29 2.22 44.25
N VAL A 286 4.14 1.22 43.37
CA VAL A 286 4.01 1.44 41.92
C VAL A 286 2.55 1.26 41.49
N ALA A 287 2.01 2.24 40.77
CA ALA A 287 0.61 2.28 40.39
C ALA A 287 0.35 2.30 38.85
N HIS A 288 -0.36 1.26 38.39
CA HIS A 288 -0.87 1.13 37.02
C HIS A 288 -2.34 1.53 37.02
N THR A 289 -2.69 2.58 36.26
CA THR A 289 -4.05 3.11 36.31
C THR A 289 -4.77 3.27 34.96
N SER A 290 -4.38 2.51 33.94
CA SER A 290 -5.04 2.59 32.60
C SER A 290 -6.57 2.55 32.67
N THR A 291 -7.25 3.51 32.06
CA THR A 291 -8.72 3.50 31.96
C THR A 291 -9.28 2.61 30.83
N ALA A 292 -8.40 1.96 30.08
CA ALA A 292 -8.81 1.04 29.03
C ALA A 292 -7.96 -0.17 29.18
N PRO A 293 -8.47 -1.33 28.79
CA PRO A 293 -7.78 -2.55 29.13
C PRO A 293 -6.36 -2.60 28.62
N GLU A 294 -5.43 -3.04 29.45
CA GLU A 294 -4.03 -3.12 29.12
C GLU A 294 -3.70 -4.43 28.45
N PRO A 295 -3.05 -4.37 27.30
CA PRO A 295 -2.68 -5.61 26.68
C PRO A 295 -1.82 -6.48 27.54
N PHE A 296 -0.78 -5.91 28.12
CA PHE A 296 0.10 -6.63 29.02
C PHE A 296 0.41 -5.76 30.24
N GLY A 297 1.24 -4.72 30.09
CA GLY A 297 1.60 -3.82 31.22
C GLY A 297 2.98 -4.19 31.75
N ARG A 298 4.02 -3.87 31.00
CA ARG A 298 5.35 -4.21 31.40
C ARG A 298 5.73 -3.62 32.77
N VAL A 299 5.20 -2.45 33.10
CA VAL A 299 5.58 -1.78 34.33
C VAL A 299 5.11 -2.55 35.57
N ILE A 300 4.00 -3.26 35.43
CA ILE A 300 3.45 -4.09 36.47
C ILE A 300 4.44 -5.20 36.79
N VAL A 301 4.96 -5.84 35.77
CA VAL A 301 5.91 -6.91 36.03
C VAL A 301 7.20 -6.32 36.54
N GLU A 302 7.65 -5.25 35.92
CA GLU A 302 8.91 -4.63 36.33
C GLU A 302 8.86 -4.34 37.84
N ALA A 303 7.75 -3.75 38.28
CA ALA A 303 7.55 -3.40 39.67
C ALA A 303 7.71 -4.63 40.53
N MET A 304 7.04 -5.72 40.16
CA MET A 304 7.17 -6.97 40.90
C MET A 304 8.58 -7.49 40.93
N LEU A 305 9.32 -7.34 39.85
CA LEU A 305 10.70 -7.81 39.85
C LEU A 305 11.64 -6.95 40.70
N CYS A 306 11.22 -5.71 40.94
CA CYS A 306 11.94 -4.80 41.84
C CYS A 306 11.49 -5.02 43.30
N GLY A 307 10.61 -5.98 43.51
CA GLY A 307 10.14 -6.30 44.81
C GLY A 307 9.27 -5.23 45.42
N LYS A 308 8.54 -4.49 44.60
CA LYS A 308 7.68 -3.47 45.15
C LYS A 308 6.25 -3.88 45.08
N PRO A 309 5.46 -3.34 46.00
CA PRO A 309 4.03 -3.55 45.84
C PRO A 309 3.50 -2.82 44.64
N VAL A 310 2.69 -3.50 43.84
CA VAL A 310 2.03 -2.86 42.70
C VAL A 310 0.53 -2.97 42.76
N VAL A 311 -0.16 -1.85 42.56
CA VAL A 311 -1.60 -1.81 42.36
C VAL A 311 -1.86 -1.58 40.84
N ALA A 312 -2.76 -2.36 40.24
CA ALA A 312 -3.10 -2.26 38.79
C ALA A 312 -4.59 -2.17 38.49
N ALA A 313 -4.92 -1.79 37.26
CA ALA A 313 -6.31 -1.66 36.83
C ALA A 313 -6.85 -3.06 36.50
N LYS A 314 -8.07 -3.35 36.96
CA LYS A 314 -8.65 -4.69 36.83
C LYS A 314 -9.30 -4.81 35.44
N ALA A 315 -8.50 -5.23 34.46
CA ALA A 315 -8.90 -5.34 33.05
C ALA A 315 -7.72 -5.78 32.21
N GLY A 316 -8.02 -6.35 31.04
CA GLY A 316 -6.97 -6.81 30.12
C GLY A 316 -6.01 -7.77 30.76
N GLY A 317 -4.78 -7.80 30.29
CA GLY A 317 -3.77 -8.73 30.76
C GLY A 317 -3.17 -8.46 32.14
N ALA A 318 -3.60 -7.38 32.79
CA ALA A 318 -3.22 -7.13 34.18
C ALA A 318 -3.75 -8.26 35.07
N MET A 319 -5.00 -8.63 34.85
CA MET A 319 -5.66 -9.67 35.61
C MET A 319 -4.93 -10.96 35.49
N GLU A 320 -4.07 -11.12 34.51
CA GLU A 320 -3.28 -12.33 34.42
C GLU A 320 -2.01 -12.20 35.17
N LEU A 321 -1.58 -10.98 35.46
CA LEU A 321 -0.29 -10.76 36.14
C LEU A 321 -0.44 -10.72 37.67
N VAL A 322 -1.55 -10.19 38.14
CA VAL A 322 -1.78 -9.93 39.53
C VAL A 322 -3.05 -10.63 39.97
N GLU A 323 -2.95 -11.37 41.08
CA GLU A 323 -4.12 -11.68 41.93
C GLU A 323 -4.16 -10.76 43.15
N HIS A 324 -5.30 -10.10 43.30
CA HIS A 324 -5.53 -9.06 44.28
C HIS A 324 -5.39 -9.61 45.68
N GLY A 325 -4.37 -9.15 46.38
CA GLY A 325 -4.16 -9.51 47.77
C GLY A 325 -3.02 -10.46 47.87
N VAL A 326 -2.50 -10.96 46.75
CA VAL A 326 -1.49 -11.99 46.84
C VAL A 326 -0.13 -11.54 46.38
N ASN A 327 -0.07 -11.00 45.17
CA ASN A 327 1.19 -10.46 44.64
C ASN A 327 0.96 -9.07 44.13
N GLY A 328 -0.12 -8.43 44.54
CA GLY A 328 -0.34 -7.08 44.15
C GLY A 328 -1.77 -6.75 44.45
N PHE A 329 -2.24 -5.60 43.96
CA PHE A 329 -3.66 -5.22 44.06
C PHE A 329 -4.28 -4.90 42.67
N LEU A 330 -5.60 -4.93 42.61
CA LEU A 330 -6.36 -4.70 41.40
C LEU A 330 -7.53 -3.87 41.78
N THR A 331 -7.93 -2.99 40.88
CA THR A 331 -8.84 -1.92 41.18
C THR A 331 -9.70 -1.65 39.94
N THR A 332 -10.88 -1.09 40.17
CA THR A 332 -11.81 -0.85 39.10
C THR A 332 -11.34 0.35 38.28
N PRO A 333 -11.13 0.14 36.95
CA PRO A 333 -10.66 1.21 36.12
C PRO A 333 -11.55 2.43 36.26
N GLY A 334 -10.93 3.61 36.31
CA GLY A 334 -11.71 4.84 36.43
C GLY A 334 -12.01 5.29 37.85
N GLU A 335 -11.84 4.40 38.84
CA GLU A 335 -12.29 4.64 40.25
C GLU A 335 -11.13 5.06 41.19
N SER A 336 -11.02 6.36 41.39
CA SER A 336 -9.92 6.97 42.14
C SER A 336 -10.01 6.61 43.61
N GLN A 337 -11.20 6.79 44.16
CA GLN A 337 -11.46 6.44 45.56
C GLN A 337 -11.04 5.02 45.89
N GLU A 338 -11.25 4.10 44.96
CA GLU A 338 -10.89 2.71 45.22
C GLU A 338 -9.38 2.54 45.19
N LEU A 339 -8.72 3.44 44.49
CA LEU A 339 -7.25 3.44 44.41
C LEU A 339 -6.67 4.01 45.71
N ALA A 340 -7.31 5.04 46.24
CA ALA A 340 -6.91 5.63 47.52
C ALA A 340 -6.91 4.58 48.63
N ASN A 341 -7.98 3.80 48.70
CA ASN A 341 -8.11 2.78 49.75
C ASN A 341 -6.94 1.84 49.73
N ILE A 342 -6.45 1.53 48.55
CA ILE A 342 -5.30 0.62 48.45
C ILE A 342 -4.00 1.26 48.91
N ILE A 343 -3.91 2.57 48.70
CA ILE A 343 -2.68 3.28 49.01
C ILE A 343 -2.64 3.35 50.51
N ASN A 344 -3.68 3.98 51.08
CA ASN A 344 -3.92 3.99 52.52
C ASN A 344 -3.58 2.66 53.16
N THR A 345 -4.09 1.59 52.57
CA THR A 345 -3.86 0.24 53.07
C THR A 345 -2.42 -0.11 53.06
N CYS A 346 -1.70 0.26 52.01
CA CYS A 346 -0.25 0.00 51.94
C CYS A 346 0.53 0.78 52.99
N ILE A 347 0.01 1.96 53.33
CA ILE A 347 0.59 2.77 54.36
C ILE A 347 0.41 2.16 55.73
N GLU A 348 -0.82 1.74 56.02
CA GLU A 348 -1.20 1.18 57.32
C GLU A 348 -0.58 -0.18 57.63
N ASP A 349 -0.63 -1.12 56.68
CA ASP A 349 -0.25 -2.53 56.98
C ASP A 349 1.10 -2.88 56.41
N THR A 350 2.13 -2.25 56.94
CA THR A 350 3.40 -2.30 56.24
C THR A 350 3.94 -3.72 56.09
N GLN A 351 3.61 -4.61 57.01
CA GLN A 351 4.25 -5.94 56.97
C GLN A 351 3.55 -6.85 55.97
N LYS A 352 2.22 -6.74 55.92
CA LYS A 352 1.42 -7.48 54.94
C LYS A 352 1.93 -7.13 53.54
N THR A 353 1.94 -5.82 53.27
CA THR A 353 2.39 -5.26 52.00
C THR A 353 3.76 -5.70 51.60
N ALA A 354 4.66 -5.76 52.55
CA ALA A 354 6.02 -6.12 52.23
C ALA A 354 6.10 -7.58 51.90
N THR A 355 5.10 -8.34 52.37
CA THR A 355 5.10 -9.79 52.09
C THR A 355 4.54 -10.01 50.69
N ILE A 356 3.38 -9.41 50.44
CA ILE A 356 2.82 -9.33 49.11
C ILE A 356 3.87 -8.92 48.07
N ALA A 357 4.60 -7.86 48.39
CA ALA A 357 5.66 -7.33 47.52
C ALA A 357 6.78 -8.32 47.29
N SER A 358 7.05 -9.09 48.31
CA SER A 358 8.20 -10.00 48.31
C SER A 358 7.78 -11.29 47.61
N ASN A 359 6.54 -11.68 47.85
CA ASN A 359 5.98 -12.81 47.08
C ASN A 359 5.93 -12.50 45.61
N ALA A 360 5.37 -11.33 45.30
CA ALA A 360 5.33 -10.82 43.93
C ALA A 360 6.64 -11.04 43.23
N GLN A 361 7.75 -10.73 43.86
CA GLN A 361 9.03 -10.90 43.18
C GLN A 361 9.35 -12.34 42.91
N ALA A 362 8.97 -13.22 43.82
CA ALA A 362 9.36 -14.64 43.67
C ALA A 362 8.53 -15.24 42.54
N ILE A 363 7.24 -14.98 42.65
CA ILE A 363 6.24 -15.44 41.70
C ILE A 363 6.53 -14.94 40.28
N ALA A 364 6.73 -13.63 40.13
CA ALA A 364 7.01 -13.03 38.82
C ALA A 364 8.36 -13.44 38.24
N SER A 365 9.29 -13.79 39.07
CA SER A 365 10.62 -14.10 38.55
C SER A 365 10.66 -15.50 37.94
N GLN A 366 9.58 -16.25 38.17
CA GLN A 366 9.44 -17.57 37.58
C GLN A 366 8.91 -17.40 36.15
N ARG A 367 7.62 -17.01 36.07
CA ARG A 367 6.91 -16.70 34.82
C ARG A 367 7.73 -15.92 33.78
N PHE A 368 8.15 -14.70 34.13
CA PHE A 368 8.61 -13.75 33.14
C PHE A 368 10.10 -13.65 32.90
N ASP A 369 10.84 -14.66 33.33
CA ASP A 369 12.30 -14.62 33.19
C ASP A 369 12.61 -14.65 31.71
N VAL A 370 13.23 -13.62 31.18
CA VAL A 370 13.60 -13.62 29.79
C VAL A 370 14.13 -14.97 29.27
N VAL A 371 14.86 -15.70 30.09
CA VAL A 371 15.43 -17.01 29.70
C VAL A 371 14.33 -18.00 29.34
N THR A 372 13.32 -18.11 30.19
CA THR A 372 12.29 -19.10 29.98
C THR A 372 11.35 -18.68 28.84
N ILE A 373 11.19 -17.38 28.65
CA ILE A 373 10.38 -16.82 27.57
C ILE A 373 11.10 -17.01 26.25
N ASN A 374 12.39 -16.75 26.23
CA ASN A 374 13.16 -16.97 25.04
C ASN A 374 13.09 -18.42 24.59
N GLN A 375 13.09 -19.38 25.51
CA GLN A 375 12.98 -20.78 25.11
C GLN A 375 11.61 -20.99 24.52
N GLN A 376 10.63 -20.35 25.14
CA GLN A 376 9.26 -20.50 24.78
C GLN A 376 9.07 -20.00 23.36
N ILE A 377 9.81 -18.96 23.00
CA ILE A 377 9.74 -18.40 21.66
C ILE A 377 10.43 -19.28 20.66
N ALA A 378 11.62 -19.75 21.01
CA ALA A 378 12.45 -20.49 20.06
C ALA A 378 11.81 -21.81 19.67
N GLU A 379 11.12 -22.47 20.62
CA GLU A 379 10.42 -23.73 20.34
C GLU A 379 9.18 -23.50 19.46
N THR A 380 8.57 -22.33 19.61
CA THR A 380 7.45 -21.95 18.78
C THR A 380 7.92 -21.71 17.33
N LEU A 381 9.07 -21.06 17.18
CA LEU A 381 9.58 -20.70 15.86
C LEU A 381 10.17 -21.87 15.08
N SER A 382 10.85 -22.78 15.76
CA SER A 382 11.51 -23.87 15.06
C SER A 382 10.44 -24.84 14.57
N SER A 383 9.37 -25.00 15.34
CA SER A 383 8.27 -25.87 14.94
C SER A 383 7.44 -25.26 13.79
N LEU A 384 8.05 -25.08 12.63
CA LEU A 384 7.37 -24.51 11.46
C LEU A 384 7.82 -25.19 10.16
N HIS B 6 -29.42 4.45 -12.34
CA HIS B 6 -28.13 4.96 -12.92
C HIS B 6 -27.01 4.93 -11.88
N MET B 7 -26.12 3.95 -11.98
CA MET B 7 -25.07 3.77 -10.98
C MET B 7 -24.21 5.00 -10.75
N LYS B 8 -23.71 5.13 -9.52
CA LYS B 8 -22.62 6.06 -9.21
C LYS B 8 -21.31 5.29 -9.37
N ILE B 9 -20.47 5.69 -10.33
CA ILE B 9 -19.24 4.95 -10.62
C ILE B 9 -18.00 5.79 -10.36
N LEU B 10 -17.07 5.24 -9.59
CA LEU B 10 -15.79 5.89 -9.40
C LEU B 10 -14.81 5.17 -10.29
N PHE B 11 -14.31 5.87 -11.30
CA PHE B 11 -13.34 5.32 -12.23
C PHE B 11 -11.97 5.71 -11.72
N LEU B 12 -11.01 4.82 -11.88
CA LEU B 12 -9.65 5.08 -11.45
C LEU B 12 -8.68 4.77 -12.57
N ASP B 13 -7.69 5.62 -12.72
CA ASP B 13 -6.68 5.45 -13.74
C ASP B 13 -5.39 6.05 -13.20
N GLN B 14 -4.30 5.33 -13.32
CA GLN B 14 -3.03 5.80 -12.78
C GLN B 14 -2.37 6.98 -13.49
N SER B 15 -2.79 7.24 -14.73
CA SER B 15 -2.05 8.16 -15.61
C SER B 15 -2.77 9.44 -15.81
N GLY B 16 -1.99 10.52 -15.87
CA GLY B 16 -2.53 11.83 -16.27
C GLY B 16 -2.35 12.09 -17.76
N LYS B 17 -1.64 11.18 -18.44
CA LYS B 17 -1.38 11.28 -19.86
C LYS B 17 -2.42 10.50 -20.69
N PRO B 18 -2.71 10.97 -21.94
CA PRO B 18 -3.77 10.37 -22.75
C PRO B 18 -3.32 9.17 -23.64
N GLY B 19 -2.93 8.07 -23.00
CA GLY B 19 -2.65 6.84 -23.71
C GLY B 19 -3.92 6.13 -24.17
N GLY B 20 -3.72 4.97 -24.81
CA GLY B 20 -4.83 4.14 -25.28
C GLY B 20 -5.92 3.96 -24.25
N ALA B 21 -5.50 3.41 -23.11
CA ALA B 21 -6.40 3.04 -22.02
C ALA B 21 -7.19 4.22 -21.62
N GLU B 22 -6.50 5.33 -21.51
CA GLU B 22 -7.15 6.54 -21.04
C GLU B 22 -8.09 7.08 -22.11
N LEU B 23 -7.60 7.12 -23.35
CA LEU B 23 -8.52 7.49 -24.46
C LEU B 23 -9.78 6.61 -24.46
N CYS B 24 -9.60 5.31 -24.24
CA CYS B 24 -10.74 4.42 -24.17
C CYS B 24 -11.72 4.71 -23.03
N LEU B 25 -11.19 5.22 -21.91
CA LEU B 25 -11.98 5.47 -20.71
C LEU B 25 -12.94 6.62 -20.88
N ILE B 26 -12.54 7.59 -21.71
CA ILE B 26 -13.42 8.72 -22.00
C ILE B 26 -14.76 8.20 -22.52
N ASP B 27 -14.68 7.25 -23.46
CA ASP B 27 -15.88 6.68 -24.10
C ASP B 27 -16.64 5.75 -23.18
N ILE B 28 -15.87 4.99 -22.38
CA ILE B 28 -16.43 4.14 -21.33
C ILE B 28 -17.23 5.02 -20.37
N ALA B 29 -16.62 6.10 -19.91
CA ALA B 29 -17.18 6.88 -18.78
C ALA B 29 -18.33 7.81 -19.17
N LYS B 30 -18.21 8.40 -20.36
CA LYS B 30 -19.10 9.50 -20.78
C LYS B 30 -20.60 9.31 -20.49
N PRO B 31 -21.18 8.13 -20.82
CA PRO B 31 -22.60 7.91 -20.50
C PRO B 31 -22.94 7.96 -19.01
N TYR B 32 -21.95 7.99 -18.13
CA TYR B 32 -22.18 7.98 -16.69
C TYR B 32 -21.73 9.27 -16.03
N ARG B 33 -21.30 10.23 -16.83
CA ARG B 33 -20.71 11.48 -16.34
C ARG B 33 -21.56 12.25 -15.33
N ASP B 34 -22.86 11.96 -15.27
CA ASP B 34 -23.75 12.67 -14.37
C ASP B 34 -23.43 12.34 -12.93
N ARG B 35 -23.42 11.04 -12.63
CA ARG B 35 -23.23 10.57 -11.26
C ARG B 35 -21.88 9.85 -11.03
N ALA B 36 -20.90 10.10 -11.89
CA ALA B 36 -19.62 9.42 -11.84
C ALA B 36 -18.52 10.40 -11.58
N LEU B 37 -17.31 9.85 -11.40
CA LEU B 37 -16.09 10.62 -11.18
C LEU B 37 -14.92 9.78 -11.64
N VAL B 38 -13.92 10.43 -12.22
CA VAL B 38 -12.73 9.72 -12.68
C VAL B 38 -11.57 10.16 -11.82
N GLY B 39 -10.89 9.20 -11.20
CA GLY B 39 -9.79 9.49 -10.31
C GLY B 39 -8.47 9.24 -10.99
N LEU B 40 -7.64 10.25 -11.08
CA LEU B 40 -6.30 10.11 -11.66
C LEU B 40 -5.24 10.17 -10.59
N PHE B 41 -4.19 9.39 -10.76
CA PHE B 41 -3.09 9.37 -9.81
C PHE B 41 -1.96 10.30 -10.24
N ALA B 42 -2.23 11.14 -11.22
CA ALA B 42 -1.27 12.15 -11.67
C ALA B 42 -2.04 13.07 -12.57
N ASP B 43 -1.54 14.30 -12.70
CA ASP B 43 -2.20 15.33 -13.47
C ASP B 43 -1.54 15.29 -14.84
N GLY B 44 -2.22 15.89 -15.81
CA GLY B 44 -1.66 15.98 -17.17
C GLY B 44 -2.73 16.23 -18.19
N ALA B 45 -2.35 16.04 -19.45
CA ALA B 45 -3.26 16.31 -20.59
C ALA B 45 -4.65 15.62 -20.49
N PHE B 46 -4.66 14.39 -19.97
CA PHE B 46 -5.86 13.58 -19.85
C PHE B 46 -6.95 14.25 -19.02
N LYS B 47 -6.56 15.03 -18.02
CA LYS B 47 -7.52 15.73 -17.16
C LYS B 47 -8.29 16.76 -17.97
N THR B 48 -7.54 17.52 -18.76
CA THR B 48 -8.12 18.49 -19.69
C THR B 48 -9.16 17.80 -20.58
N LEU B 49 -8.76 16.73 -21.27
CA LEU B 49 -9.73 16.02 -22.12
C LEU B 49 -11.02 15.71 -21.38
N LEU B 50 -10.91 15.12 -20.19
CA LEU B 50 -12.11 14.73 -19.43
C LEU B 50 -12.92 15.98 -19.08
N GLU B 51 -12.23 17.09 -18.86
CA GLU B 51 -12.91 18.35 -18.59
C GLU B 51 -13.62 18.76 -19.85
N GLN B 52 -12.88 18.74 -20.96
CA GLN B 52 -13.43 19.11 -22.25
C GLN B 52 -14.60 18.22 -22.64
N HIS B 53 -14.61 16.98 -22.13
CA HIS B 53 -15.72 16.06 -22.42
C HIS B 53 -16.84 16.10 -21.37
N HIS B 54 -16.76 17.06 -20.45
CA HIS B 54 -17.73 17.20 -19.35
C HIS B 54 -17.84 15.93 -18.49
N ILE B 55 -16.68 15.36 -18.16
CA ILE B 55 -16.58 14.26 -17.19
C ILE B 55 -15.84 14.78 -15.93
N PRO B 56 -16.48 14.61 -14.76
CA PRO B 56 -15.86 15.03 -13.49
C PRO B 56 -14.58 14.23 -13.27
N VAL B 57 -13.50 14.94 -12.96
CA VAL B 57 -12.21 14.31 -12.74
C VAL B 57 -11.61 14.90 -11.47
N GLU B 58 -10.85 14.08 -10.75
CA GLU B 58 -10.07 14.54 -9.61
C GLU B 58 -8.71 13.88 -9.63
N VAL B 59 -7.68 14.67 -9.40
CA VAL B 59 -6.34 14.15 -9.29
C VAL B 59 -6.02 13.90 -7.81
N PHE B 60 -5.73 12.64 -7.47
CA PHE B 60 -5.27 12.30 -6.16
C PHE B 60 -3.74 12.23 -6.10
N THR B 61 -3.21 12.68 -4.96
CA THR B 61 -1.78 12.69 -4.69
C THR B 61 -1.50 11.85 -3.45
N ASN B 62 -0.22 11.54 -3.29
CA ASN B 62 0.26 10.84 -2.12
C ASN B 62 0.80 11.80 -1.02
N GLN B 63 0.44 13.08 -1.09
CA GLN B 63 0.70 14.02 -0.01
C GLN B 63 -0.18 13.70 1.20
N PRO B 64 0.31 13.98 2.41
CA PRO B 64 -0.47 13.65 3.64
C PRO B 64 -1.82 14.37 3.82
N ILE B 65 -2.52 14.08 4.91
CA ILE B 65 -3.93 14.48 5.12
C ILE B 65 -4.80 13.85 4.05
N PHE B 77 -11.12 6.59 8.44
CA PHE B 77 -10.18 5.54 8.02
C PHE B 77 -9.43 4.98 9.25
N GLY B 78 -8.18 5.39 9.43
CA GLY B 78 -7.33 4.86 10.47
C GLY B 78 -5.94 5.45 10.32
N SER B 79 -5.02 4.99 11.15
CA SER B 79 -3.63 5.46 11.11
C SER B 79 -2.86 4.87 9.92
N LEU B 80 -3.36 3.75 9.39
CA LEU B 80 -2.68 3.01 8.32
C LEU B 80 -2.47 3.87 7.06
N GLY B 81 -3.30 4.89 6.89
CA GLY B 81 -3.19 5.87 5.80
C GLY B 81 -1.84 6.54 5.60
N GLN B 82 -1.05 6.71 6.66
CA GLN B 82 0.28 7.31 6.54
C GLN B 82 1.22 6.51 5.63
N LEU B 83 1.00 5.20 5.57
CA LEU B 83 1.75 4.34 4.67
C LEU B 83 1.56 4.74 3.21
N ALA B 84 0.36 5.21 2.88
CA ALA B 84 -0.06 5.47 1.49
C ALA B 84 -1.31 6.37 1.43
N PRO B 85 -1.09 7.68 1.46
CA PRO B 85 -2.23 8.60 1.57
C PRO B 85 -3.21 8.56 0.40
N LEU B 86 -2.64 8.45 -0.80
CA LEU B 86 -3.42 8.28 -2.03
C LEU B 86 -4.50 7.24 -1.81
N VAL B 87 -4.07 6.08 -1.35
CA VAL B 87 -5.00 4.98 -1.08
C VAL B 87 -6.10 5.43 -0.10
N ALA B 88 -5.70 6.10 0.98
CA ALA B 88 -6.64 6.53 2.00
C ALA B 88 -7.67 7.46 1.42
N LYS B 89 -7.20 8.46 0.66
CA LYS B 89 -8.08 9.40 -0.03
C LYS B 89 -9.09 8.69 -0.95
N VAL B 90 -8.59 7.73 -1.71
CA VAL B 90 -9.44 7.00 -2.65
C VAL B 90 -10.44 6.16 -1.90
N VAL B 91 -9.97 5.45 -0.86
CA VAL B 91 -10.86 4.67 0.00
C VAL B 91 -11.99 5.55 0.55
N GLN B 92 -11.65 6.76 0.95
CA GLN B 92 -12.62 7.66 1.55
C GLN B 92 -13.68 8.00 0.50
N THR B 93 -13.20 8.50 -0.64
CA THR B 93 -14.06 8.81 -1.78
C THR B 93 -14.95 7.64 -2.17
N ALA B 94 -14.38 6.44 -2.25
CA ALA B 94 -15.16 5.28 -2.66
C ALA B 94 -16.48 5.09 -1.90
N HIS B 95 -16.61 5.65 -0.71
CA HIS B 95 -17.85 5.52 0.06
C HIS B 95 -19.05 6.14 -0.65
N GLU B 96 -18.77 7.14 -1.49
CA GLU B 96 -19.84 7.89 -2.15
C GLU B 96 -20.39 7.23 -3.43
N TYR B 97 -19.78 6.13 -3.88
CA TYR B 97 -20.10 5.55 -5.19
C TYR B 97 -20.56 4.13 -5.02
N ASP B 98 -21.30 3.61 -6.01
CA ASP B 98 -21.80 2.23 -5.94
C ASP B 98 -20.80 1.23 -6.56
N LEU B 99 -19.77 1.73 -7.21
CA LEU B 99 -18.91 0.84 -8.00
C LEU B 99 -17.54 1.42 -8.19
N ILE B 100 -16.54 0.54 -8.17
CA ILE B 100 -15.18 0.96 -8.45
C ILE B 100 -14.79 0.29 -9.73
N TYR B 101 -14.40 1.13 -10.69
CA TYR B 101 -14.04 0.70 -12.03
C TYR B 101 -12.56 1.04 -12.25
N ALA B 102 -11.71 0.03 -12.17
CA ALA B 102 -10.30 0.28 -12.25
C ALA B 102 -9.79 0.03 -13.66
N ASN B 103 -9.18 1.06 -14.23
CA ASN B 103 -8.77 1.02 -15.63
C ASN B 103 -7.34 0.67 -15.89
N THR B 104 -6.47 0.64 -14.86
CA THR B 104 -5.05 0.25 -15.02
C THR B 104 -4.57 -0.60 -13.85
N GLN B 105 -3.36 -1.13 -13.97
CA GLN B 105 -2.79 -1.97 -12.93
C GLN B 105 -2.75 -1.26 -11.56
N LYS B 106 -2.13 -0.10 -11.49
CA LYS B 106 -2.04 0.59 -10.21
C LYS B 106 -3.41 0.94 -9.71
N ALA B 107 -4.31 1.23 -10.63
CA ALA B 107 -5.66 1.57 -10.23
C ALA B 107 -6.39 0.33 -9.70
N LEU B 108 -5.87 -0.85 -10.02
CA LEU B 108 -6.48 -2.07 -9.54
C LEU B 108 -6.03 -2.34 -8.09
N VAL B 109 -4.74 -2.14 -7.85
CA VAL B 109 -4.18 -2.18 -6.51
C VAL B 109 -4.96 -1.27 -5.57
N VAL B 110 -5.07 -0.02 -5.94
CA VAL B 110 -5.72 0.94 -5.08
C VAL B 110 -7.19 0.62 -4.96
N GLY B 111 -7.80 0.21 -6.07
CA GLY B 111 -9.22 -0.06 -6.12
C GLY B 111 -9.61 -1.34 -5.42
N ALA B 112 -8.73 -2.32 -5.43
CA ALA B 112 -8.91 -3.50 -4.57
C ALA B 112 -8.99 -3.10 -3.07
N ILE B 113 -7.98 -2.38 -2.62
CA ILE B 113 -7.95 -1.94 -1.25
C ILE B 113 -9.25 -1.25 -0.91
N ALA B 114 -9.59 -0.23 -1.69
CA ALA B 114 -10.83 0.55 -1.45
C ALA B 114 -12.07 -0.27 -1.66
N SER B 115 -11.99 -1.31 -2.47
CA SER B 115 -13.13 -2.22 -2.62
C SER B 115 -13.41 -2.91 -1.28
N PHE B 116 -12.35 -3.42 -0.66
CA PHE B 116 -12.47 -4.14 0.61
C PHE B 116 -12.91 -3.24 1.76
N ILE B 117 -12.20 -2.15 1.93
CA ILE B 117 -12.46 -1.29 3.05
C ILE B 117 -13.82 -0.59 2.93
N ALA B 118 -14.13 -0.04 1.75
CA ALA B 118 -15.40 0.66 1.61
C ALA B 118 -16.56 -0.26 1.28
N ARG B 119 -16.28 -1.53 1.03
CA ARG B 119 -17.33 -2.51 0.80
C ARG B 119 -18.13 -2.13 -0.43
N ARG B 120 -17.43 -2.01 -1.56
CA ARG B 120 -18.02 -1.68 -2.86
C ARG B 120 -17.45 -2.63 -3.87
N PRO B 121 -18.31 -3.12 -4.78
CA PRO B 121 -17.86 -4.03 -5.81
C PRO B 121 -16.87 -3.36 -6.77
N LEU B 122 -16.00 -4.18 -7.34
CA LEU B 122 -14.90 -3.69 -8.15
C LEU B 122 -14.93 -4.35 -9.51
N VAL B 123 -14.77 -3.51 -10.54
CA VAL B 123 -14.55 -3.99 -11.90
C VAL B 123 -13.17 -3.68 -12.36
N TYR B 124 -12.52 -4.67 -12.94
CA TYR B 124 -11.24 -4.48 -13.58
C TYR B 124 -11.35 -4.42 -15.14
N HIS B 125 -11.11 -3.26 -15.72
CA HIS B 125 -11.01 -3.16 -17.17
C HIS B 125 -9.59 -3.39 -17.57
N LEU B 126 -9.34 -4.52 -18.22
CA LEU B 126 -7.99 -4.94 -18.57
C LEU B 126 -7.62 -4.46 -20.01
N HIS B 127 -6.61 -3.61 -20.15
CA HIS B 127 -6.16 -3.11 -21.46
C HIS B 127 -4.78 -3.63 -21.76
N ASP B 128 -4.27 -4.57 -20.96
CA ASP B 128 -2.92 -5.06 -21.15
C ASP B 128 -2.94 -6.56 -21.43
N ILE B 129 -1.83 -7.03 -21.99
CA ILE B 129 -1.60 -8.41 -22.17
C ILE B 129 -0.61 -8.74 -21.06
N LEU B 130 -1.05 -9.58 -20.12
CA LEU B 130 -0.32 -9.84 -18.90
C LEU B 130 0.60 -10.98 -19.15
N SER B 131 1.67 -10.69 -19.87
CA SER B 131 2.63 -11.72 -20.21
C SER B 131 4.02 -11.31 -19.72
N PRO B 132 4.91 -12.26 -19.63
CA PRO B 132 6.25 -11.98 -19.17
C PRO B 132 6.93 -10.98 -20.08
N GLU B 133 6.70 -11.08 -21.38
CA GLU B 133 7.21 -10.10 -22.36
C GLU B 133 6.93 -8.67 -21.92
N HIS B 134 5.67 -8.42 -21.58
CA HIS B 134 5.20 -7.07 -21.28
C HIS B 134 5.42 -6.58 -19.83
N PHE B 135 5.52 -7.48 -18.84
CA PHE B 135 5.59 -7.06 -17.41
C PHE B 135 6.38 -8.01 -16.54
N SER B 136 6.86 -7.52 -15.40
CA SER B 136 7.58 -8.38 -14.45
C SER B 136 6.67 -9.43 -13.85
N GLN B 137 7.25 -10.53 -13.41
CA GLN B 137 6.47 -11.53 -12.66
C GLN B 137 5.66 -10.89 -11.54
N THR B 138 6.27 -9.97 -10.81
CA THR B 138 5.58 -9.38 -9.70
C THR B 138 4.26 -8.71 -10.11
N ASN B 139 4.32 -7.88 -11.15
CA ASN B 139 3.11 -7.23 -11.65
C ASN B 139 2.05 -8.24 -12.11
N LEU B 140 2.48 -9.31 -12.75
CA LEU B 140 1.52 -10.33 -13.18
C LEU B 140 0.86 -10.95 -11.96
N ARG B 141 1.69 -11.34 -10.97
CA ARG B 141 1.18 -11.99 -9.75
C ARG B 141 0.19 -11.11 -9.04
N VAL B 142 0.54 -9.84 -8.88
CA VAL B 142 -0.31 -8.93 -8.14
C VAL B 142 -1.66 -8.78 -8.80
N ALA B 143 -1.64 -8.45 -10.10
CA ALA B 143 -2.86 -8.17 -10.87
C ALA B 143 -3.79 -9.38 -10.88
N VAL B 144 -3.24 -10.55 -11.14
CA VAL B 144 -4.03 -11.78 -11.12
C VAL B 144 -4.68 -12.06 -9.75
N ASN B 145 -3.87 -12.01 -8.70
CA ASN B 145 -4.37 -12.28 -7.36
C ASN B 145 -5.40 -11.27 -6.91
N LEU B 146 -5.12 -9.99 -7.12
CA LEU B 146 -6.09 -8.95 -6.75
C LEU B 146 -7.38 -9.02 -7.55
N ALA B 147 -7.25 -9.34 -8.84
CA ALA B 147 -8.43 -9.47 -9.68
C ALA B 147 -9.24 -10.67 -9.22
N ASN B 148 -8.56 -11.82 -9.16
CA ASN B 148 -9.21 -13.07 -8.71
C ASN B 148 -9.94 -12.93 -7.37
N ARG B 149 -9.30 -12.25 -6.41
CA ARG B 149 -9.88 -12.11 -5.10
C ARG B 149 -10.90 -11.01 -5.00
N PHE B 150 -10.63 -9.85 -5.60
CA PHE B 150 -11.52 -8.68 -5.37
C PHE B 150 -12.44 -8.22 -6.52
N ALA B 151 -12.15 -8.65 -7.75
CA ALA B 151 -12.91 -8.15 -8.89
C ALA B 151 -14.19 -8.93 -9.10
N SER B 152 -15.33 -8.27 -9.11
CA SER B 152 -16.57 -8.92 -9.58
C SER B 152 -16.47 -9.33 -11.07
N LEU B 153 -15.68 -8.58 -11.84
CA LEU B 153 -15.62 -8.74 -13.28
C LEU B 153 -14.36 -8.16 -13.87
N VAL B 154 -13.82 -8.87 -14.84
CA VAL B 154 -12.66 -8.44 -15.61
C VAL B 154 -13.09 -8.26 -17.08
N ILE B 155 -13.40 -7.03 -17.48
CA ILE B 155 -13.59 -6.69 -18.90
C ILE B 155 -12.26 -6.65 -19.64
N ALA B 156 -12.08 -7.54 -20.62
CA ALA B 156 -10.86 -7.58 -21.45
C ALA B 156 -11.06 -6.90 -22.80
N ASN B 157 -10.02 -6.19 -23.28
CA ASN B 157 -10.19 -5.36 -24.46
C ASN B 157 -10.05 -6.21 -25.70
N SER B 158 -9.68 -7.47 -25.52
CA SER B 158 -9.47 -8.35 -26.63
C SER B 158 -9.36 -9.77 -26.13
N GLN B 159 -9.53 -10.73 -27.03
CA GLN B 159 -9.39 -12.13 -26.65
C GLN B 159 -7.95 -12.47 -26.34
N ALA B 160 -7.05 -11.71 -26.94
CA ALA B 160 -5.62 -11.95 -26.70
C ALA B 160 -5.29 -11.58 -25.27
N SER B 161 -5.97 -10.57 -24.73
CA SER B 161 -5.77 -10.10 -23.36
C SER B 161 -6.40 -11.09 -22.37
N GLN B 162 -7.65 -11.47 -22.66
CA GLN B 162 -8.34 -12.50 -21.90
C GLN B 162 -7.48 -13.74 -21.76
N THR B 163 -6.88 -14.18 -22.86
CA THR B 163 -6.11 -15.40 -22.88
C THR B 163 -4.84 -15.26 -22.07
N ALA B 164 -4.22 -14.09 -22.15
CA ALA B 164 -2.99 -13.89 -21.43
C ALA B 164 -3.32 -13.83 -19.94
N PHE B 165 -4.44 -13.21 -19.59
CA PHE B 165 -4.89 -13.15 -18.22
C PHE B 165 -5.02 -14.57 -17.68
N ILE B 166 -5.69 -15.43 -18.42
CA ILE B 166 -5.94 -16.77 -17.98
C ILE B 166 -4.66 -17.54 -17.83
N GLN B 167 -3.75 -17.39 -18.76
CA GLN B 167 -2.50 -18.12 -18.68
C GLN B 167 -1.59 -17.64 -17.56
N ALA B 168 -1.78 -16.41 -17.11
CA ALA B 168 -1.01 -15.92 -15.96
C ALA B 168 -1.64 -16.38 -14.62
N GLY B 169 -2.79 -17.06 -14.68
CA GLY B 169 -3.45 -17.63 -13.52
C GLY B 169 -4.77 -16.97 -13.24
N GLY B 170 -5.22 -16.07 -14.10
CA GLY B 170 -6.50 -15.36 -13.87
C GLY B 170 -7.71 -16.26 -14.04
N ARG B 171 -8.82 -15.88 -13.39
CA ARG B 171 -10.01 -16.73 -13.41
C ARG B 171 -10.88 -16.46 -14.64
N ALA B 172 -10.79 -17.38 -15.59
CA ALA B 172 -11.63 -17.37 -16.77
C ALA B 172 -13.08 -16.96 -16.53
N GLU B 173 -13.73 -17.46 -15.48
CA GLU B 173 -15.16 -17.16 -15.28
C GLU B 173 -15.43 -15.72 -14.92
N LEU B 174 -14.38 -14.95 -14.65
CA LEU B 174 -14.55 -13.52 -14.36
C LEU B 174 -14.48 -12.69 -15.65
N THR B 175 -13.85 -13.25 -16.69
CA THR B 175 -13.54 -12.47 -17.87
C THR B 175 -14.72 -12.34 -18.82
N LYS B 176 -14.83 -11.16 -19.42
CA LYS B 176 -15.71 -10.89 -20.57
C LYS B 176 -14.93 -10.00 -21.55
N VAL B 177 -14.88 -10.38 -22.84
CA VAL B 177 -14.21 -9.58 -23.86
C VAL B 177 -15.13 -8.49 -24.36
N ILE B 178 -14.70 -7.24 -24.28
CA ILE B 178 -15.40 -6.09 -24.85
C ILE B 178 -14.40 -5.13 -25.50
N TYR B 179 -14.57 -4.91 -26.80
CA TYR B 179 -13.58 -4.19 -27.60
C TYR B 179 -13.74 -2.67 -27.40
N ASN B 180 -12.78 -1.90 -27.85
CA ASN B 180 -12.90 -0.43 -27.73
C ASN B 180 -13.94 0.04 -28.70
N GLY B 181 -14.70 1.04 -28.31
CA GLY B 181 -15.64 1.69 -29.21
C GLY B 181 -15.16 3.04 -29.71
N PHE B 182 -15.71 3.48 -30.85
CA PHE B 182 -15.32 4.74 -31.48
C PHE B 182 -16.48 5.58 -32.00
N ASP B 183 -16.40 6.90 -31.89
CA ASP B 183 -17.43 7.78 -32.49
C ASP B 183 -17.23 7.84 -34.00
N ILE B 184 -18.12 7.21 -34.75
CA ILE B 184 -17.93 7.02 -36.20
C ILE B 184 -17.88 8.35 -36.97
N ASN B 185 -18.63 9.33 -36.51
CA ASN B 185 -18.64 10.65 -37.13
C ASN B 185 -17.27 11.33 -37.14
N LEU B 186 -16.49 11.16 -36.08
CA LEU B 186 -15.19 11.81 -36.00
C LEU B 186 -14.18 11.34 -37.05
N TYR B 187 -14.51 10.31 -37.83
CA TYR B 187 -13.52 9.74 -38.73
C TYR B 187 -13.69 10.10 -40.22
N LYS B 188 -14.38 11.21 -40.49
CA LYS B 188 -14.55 11.70 -41.86
C LYS B 188 -13.93 13.10 -42.07
N THR B 189 -13.02 13.21 -43.03
CA THR B 189 -12.39 14.49 -43.36
C THR B 189 -12.68 14.88 -44.82
N SER B 190 -12.95 16.18 -45.06
CA SER B 190 -12.98 16.78 -46.42
C SER B 190 -11.79 16.42 -47.30
N PRO B 191 -12.04 16.21 -48.62
CA PRO B 191 -10.90 15.94 -49.52
C PRO B 191 -10.04 17.18 -49.82
N SER B 192 -10.62 18.38 -49.61
CA SER B 192 -9.86 19.62 -49.66
C SER B 192 -8.90 19.69 -48.46
N ASP B 193 -9.48 19.59 -47.26
CA ASP B 193 -8.72 19.47 -45.99
C ASP B 193 -7.61 18.44 -46.07
N ILE B 194 -7.86 17.33 -46.76
CA ILE B 194 -6.80 16.37 -47.00
C ILE B 194 -5.71 16.94 -47.89
N SER B 195 -6.12 17.69 -48.92
CA SER B 195 -5.20 18.37 -49.82
C SER B 195 -4.40 19.49 -49.13
N LYS B 196 -5.10 20.27 -48.31
CA LYS B 196 -4.48 21.26 -47.44
C LYS B 196 -3.43 20.62 -46.52
N LEU B 197 -3.86 19.65 -45.73
CA LEU B 197 -2.98 19.05 -44.75
C LEU B 197 -1.76 18.38 -45.40
N ARG B 198 -1.97 17.70 -46.53
CA ARG B 198 -0.86 17.02 -47.21
C ARG B 198 0.17 18.06 -47.67
N GLN B 199 -0.38 19.23 -48.03
CA GLN B 199 0.40 20.40 -48.47
C GLN B 199 1.20 20.94 -47.29
N GLN B 200 0.49 21.41 -46.25
CA GLN B 200 1.14 21.84 -44.99
C GLN B 200 2.27 20.92 -44.54
N LEU B 201 2.14 19.63 -44.76
CA LEU B 201 3.14 18.68 -44.34
C LEU B 201 4.26 18.57 -45.34
N GLY B 202 3.99 19.07 -46.56
CA GLY B 202 4.92 18.93 -47.68
C GLY B 202 5.04 17.51 -48.16
N VAL B 203 3.91 16.81 -48.30
CA VAL B 203 3.94 15.41 -48.77
C VAL B 203 2.97 15.11 -49.92
N ALA B 204 2.31 16.15 -50.43
CA ALA B 204 1.22 16.04 -51.42
C ALA B 204 1.50 15.10 -52.61
N ASN B 205 2.76 14.98 -53.01
CA ASN B 205 3.12 14.11 -54.14
C ASN B 205 3.94 12.88 -53.72
N ASN B 206 3.91 12.57 -52.41
CA ASN B 206 4.52 11.34 -51.89
C ASN B 206 3.46 10.24 -51.70
N PHE B 207 3.95 9.01 -51.57
CA PHE B 207 3.18 7.94 -50.90
C PHE B 207 3.47 7.96 -49.38
N VAL B 208 2.49 8.43 -48.62
CA VAL B 208 2.63 8.67 -47.18
C VAL B 208 2.21 7.46 -46.30
N VAL B 209 3.20 6.84 -45.69
CA VAL B 209 2.97 5.82 -44.63
C VAL B 209 2.92 6.46 -43.21
N GLY B 210 1.76 6.40 -42.59
CA GLY B 210 1.54 6.98 -41.26
C GLY B 210 1.61 5.95 -40.13
N HIS B 211 2.36 6.29 -39.08
CA HIS B 211 2.58 5.44 -37.93
C HIS B 211 2.15 6.26 -36.75
N PHE B 212 1.21 5.75 -35.95
CA PHE B 212 0.53 6.57 -34.95
C PHE B 212 0.61 6.04 -33.51
N SER B 213 1.71 5.38 -33.18
CA SER B 213 1.93 4.88 -31.82
C SER B 213 2.90 5.78 -31.06
N ARG B 214 2.67 5.92 -29.76
CA ARG B 214 3.65 6.57 -28.88
C ARG B 214 5.03 5.93 -29.11
N LEU B 215 6.09 6.68 -28.87
CA LEU B 215 7.42 6.26 -29.29
C LEU B 215 8.04 5.38 -28.21
N SER B 216 8.29 4.13 -28.56
CA SER B 216 8.68 3.14 -27.58
C SER B 216 9.11 1.91 -28.33
N PRO B 217 10.30 1.41 -28.04
CA PRO B 217 10.88 0.32 -28.84
C PRO B 217 9.92 -0.76 -29.29
N TRP B 218 8.97 -1.15 -28.42
CA TRP B 218 8.12 -2.28 -28.72
C TRP B 218 7.01 -1.92 -29.69
N LYS B 219 6.82 -0.62 -29.92
CA LYS B 219 5.90 -0.15 -30.94
C LYS B 219 6.56 -0.18 -32.32
N GLY B 220 7.87 -0.43 -32.35
CA GLY B 220 8.59 -0.73 -33.58
C GLY B 220 8.57 0.31 -34.68
N GLN B 221 8.68 1.60 -34.33
CA GLN B 221 8.87 2.64 -35.36
C GLN B 221 10.14 2.35 -36.16
N HIS B 222 11.13 1.76 -35.51
CA HIS B 222 12.36 1.42 -36.19
C HIS B 222 12.24 0.29 -37.18
N ILE B 223 11.12 -0.41 -37.18
CA ILE B 223 10.93 -1.47 -38.17
C ILE B 223 10.48 -0.82 -39.44
N LEU B 224 9.52 0.10 -39.33
CA LEU B 224 9.03 0.84 -40.47
C LEU B 224 10.19 1.59 -41.12
N ILE B 225 11.01 2.24 -40.30
CA ILE B 225 12.11 3.02 -40.83
C ILE B 225 13.02 2.11 -41.61
N ASP B 226 13.38 0.95 -41.06
CA ASP B 226 14.19 0.01 -41.82
C ASP B 226 13.52 -0.37 -43.17
N ALA B 227 12.19 -0.40 -43.19
CA ALA B 227 11.47 -0.83 -44.38
C ALA B 227 11.52 0.19 -45.48
N LEU B 228 11.61 1.47 -45.11
CA LEU B 228 11.71 2.53 -46.10
C LEU B 228 12.98 2.41 -46.94
N ALA B 229 14.06 1.90 -46.34
CA ALA B 229 15.30 1.66 -47.07
C ALA B 229 15.13 0.68 -48.25
N GLN B 230 14.01 -0.01 -48.30
CA GLN B 230 13.68 -0.94 -49.38
C GLN B 230 12.44 -0.48 -50.12
N CYS B 231 12.12 0.81 -50.02
CA CYS B 231 11.02 1.40 -50.79
C CYS B 231 11.54 2.50 -51.72
N PRO B 232 10.83 2.73 -52.83
CA PRO B 232 11.21 3.83 -53.70
C PRO B 232 11.06 5.22 -53.00
N PRO B 233 11.86 6.22 -53.42
CA PRO B 233 11.95 7.47 -52.67
C PRO B 233 10.70 8.32 -52.55
N GLN B 234 9.64 8.03 -53.30
CA GLN B 234 8.38 8.76 -53.14
C GLN B 234 7.58 8.29 -51.94
N VAL B 235 8.05 7.22 -51.30
CA VAL B 235 7.44 6.71 -50.07
C VAL B 235 8.03 7.47 -48.88
N THR B 236 7.19 8.21 -48.15
CA THR B 236 7.61 8.91 -46.94
C THR B 236 6.77 8.48 -45.73
N ALA B 237 7.32 8.65 -44.54
CA ALA B 237 6.64 8.27 -43.31
C ALA B 237 6.46 9.44 -42.38
N ILE B 238 5.27 9.58 -41.83
CA ILE B 238 5.10 10.45 -40.70
C ILE B 238 4.99 9.57 -39.44
N LEU B 239 5.82 9.88 -38.44
CA LEU B 239 5.72 9.24 -37.12
C LEU B 239 4.99 10.21 -36.22
N VAL B 240 3.79 9.83 -35.81
CA VAL B 240 3.01 10.65 -34.89
C VAL B 240 2.94 9.97 -33.52
N GLY B 241 2.97 10.80 -32.48
CA GLY B 241 3.10 10.36 -31.11
C GLY B 241 4.32 10.91 -30.36
N ASP B 242 4.25 10.83 -29.04
CA ASP B 242 5.25 11.36 -28.14
C ASP B 242 6.11 10.21 -27.62
N ALA B 243 7.15 10.54 -26.86
CA ALA B 243 7.88 9.52 -26.12
C ALA B 243 7.54 9.72 -24.64
N LEU B 244 7.20 8.64 -23.92
CA LEU B 244 7.07 8.73 -22.45
C LEU B 244 8.47 8.65 -21.84
N PHE B 245 8.84 9.65 -21.04
CA PHE B 245 10.20 9.78 -20.51
C PHE B 245 10.72 8.43 -20.01
N GLY B 246 12.01 8.18 -20.28
CA GLY B 246 12.61 6.88 -20.08
C GLY B 246 12.93 6.31 -21.44
N GLU B 247 12.17 6.74 -22.46
CA GLU B 247 12.33 6.25 -23.82
C GLU B 247 13.03 7.28 -24.72
N GLN B 248 13.61 8.31 -24.12
CA GLN B 248 14.35 9.34 -24.87
C GLN B 248 15.59 8.79 -25.56
N ASP B 249 16.12 7.67 -25.07
CA ASP B 249 17.18 6.97 -25.78
C ASP B 249 16.67 6.47 -27.13
N TYR B 250 15.39 6.07 -27.15
CA TYR B 250 14.80 5.48 -28.34
C TYR B 250 14.69 6.58 -29.39
N VAL B 251 14.29 7.77 -28.97
CA VAL B 251 14.14 8.88 -29.89
C VAL B 251 15.48 9.19 -30.56
N LYS B 252 16.54 9.13 -29.77
CA LYS B 252 17.89 9.26 -30.31
C LYS B 252 18.15 8.15 -31.32
N GLU B 253 17.91 6.90 -30.93
CA GLU B 253 18.21 5.74 -31.79
C GLU B 253 17.54 5.80 -33.15
N LEU B 254 16.35 6.38 -33.19
CA LEU B 254 15.61 6.57 -34.43
C LEU B 254 16.32 7.58 -35.35
N HIS B 255 16.62 8.76 -34.80
CA HIS B 255 17.34 9.78 -35.56
C HIS B 255 18.74 9.33 -36.00
N GLN B 256 19.39 8.50 -35.20
CA GLN B 256 20.67 7.92 -35.59
C GLN B 256 20.50 6.83 -36.65
N GLN B 257 19.34 6.20 -36.67
CA GLN B 257 19.01 5.20 -37.67
C GLN B 257 18.72 5.91 -38.99
N ILE B 258 17.90 6.95 -38.92
CA ILE B 258 17.55 7.73 -40.09
C ILE B 258 18.82 8.28 -40.73
N THR B 259 19.61 9.01 -39.95
CA THR B 259 20.88 9.52 -40.44
C THR B 259 21.65 8.41 -41.15
N ARG B 260 21.77 7.26 -40.52
CA ARG B 260 22.57 6.15 -41.05
C ARG B 260 22.00 5.52 -42.34
N LEU B 261 20.74 5.79 -42.67
CA LEU B 261 20.16 5.25 -43.92
C LEU B 261 19.85 6.35 -44.91
N GLY B 262 20.28 7.56 -44.61
CA GLY B 262 20.04 8.69 -45.48
C GLY B 262 18.57 8.95 -45.70
N LEU B 263 17.75 8.78 -44.66
CA LEU B 263 16.31 8.98 -44.80
C LEU B 263 15.84 10.29 -44.21
N GLU B 264 16.78 11.23 -44.07
CA GLU B 264 16.52 12.54 -43.43
C GLU B 264 15.32 13.26 -44.02
N ASN B 265 15.09 13.12 -45.31
CA ASN B 265 14.00 13.87 -45.96
C ASN B 265 12.71 13.09 -46.16
N ARG B 266 12.66 11.85 -45.65
CA ARG B 266 11.52 10.97 -45.88
C ARG B 266 10.78 10.54 -44.61
N VAL B 267 11.29 10.93 -43.45
CA VAL B 267 10.66 10.62 -42.18
C VAL B 267 10.44 11.89 -41.40
N LYS B 268 9.22 12.14 -40.97
CA LYS B 268 8.93 13.33 -40.18
C LYS B 268 8.27 12.96 -38.85
N PHE B 269 8.75 13.55 -37.77
CA PHE B 269 8.11 13.41 -36.48
C PHE B 269 7.22 14.58 -36.26
N LEU B 270 5.95 14.38 -35.92
CA LEU B 270 5.09 15.50 -35.56
C LEU B 270 4.86 15.59 -34.06
N GLY B 271 5.41 14.63 -33.31
CA GLY B 271 5.08 14.53 -31.90
C GLY B 271 3.61 14.22 -31.67
N PHE B 272 3.10 14.65 -30.52
CA PHE B 272 1.80 14.24 -30.10
C PHE B 272 0.77 15.16 -30.69
N ARG B 273 -0.19 14.57 -31.40
CA ARG B 273 -1.23 15.30 -32.10
C ARG B 273 -2.59 14.86 -31.62
N ALA B 274 -3.50 15.84 -31.50
CA ALA B 274 -4.91 15.61 -31.28
C ALA B 274 -5.77 15.38 -32.56
N ASP B 275 -5.20 15.59 -33.74
CA ASP B 275 -5.98 15.60 -34.99
C ASP B 275 -5.66 14.34 -35.78
N ILE B 276 -5.88 13.20 -35.15
CA ILE B 276 -5.50 11.90 -35.72
C ILE B 276 -6.36 11.47 -36.92
N PRO B 277 -7.67 11.70 -36.86
CA PRO B 277 -8.46 11.32 -38.02
C PRO B 277 -7.97 12.05 -39.28
N GLN B 278 -7.74 13.37 -39.14
CA GLN B 278 -7.29 14.19 -40.26
C GLN B 278 -5.95 13.68 -40.76
N LEU B 279 -5.05 13.38 -39.86
CA LEU B 279 -3.75 12.92 -40.32
C LEU B 279 -3.83 11.59 -41.00
N MET B 280 -4.71 10.73 -40.52
CA MET B 280 -4.84 9.41 -41.13
C MET B 280 -5.38 9.57 -42.57
N ALA B 281 -6.37 10.44 -42.72
CA ALA B 281 -6.90 10.84 -44.02
C ALA B 281 -5.79 11.33 -44.97
N ALA B 282 -4.75 11.95 -44.43
CA ALA B 282 -3.70 12.49 -45.26
C ALA B 282 -2.66 11.46 -45.59
N CYS B 283 -2.76 10.27 -45.01
CA CYS B 283 -1.80 9.23 -45.35
C CYS B 283 -2.34 8.40 -46.49
N ASP B 284 -1.48 7.53 -47.00
CA ASP B 284 -1.85 6.58 -48.03
C ASP B 284 -1.95 5.16 -47.46
N LEU B 285 -1.12 4.88 -46.47
CA LEU B 285 -1.11 3.63 -45.73
C LEU B 285 -0.87 3.94 -44.23
N VAL B 286 -1.68 3.34 -43.35
CA VAL B 286 -1.43 3.37 -41.91
C VAL B 286 -0.71 2.09 -41.55
N ALA B 287 0.36 2.20 -40.79
CA ALA B 287 1.17 1.03 -40.42
C ALA B 287 1.26 0.85 -38.89
N HIS B 288 0.96 -0.36 -38.44
CA HIS B 288 1.14 -0.76 -37.07
C HIS B 288 2.25 -1.77 -37.13
N THR B 289 3.29 -1.60 -36.32
CA THR B 289 4.53 -2.37 -36.47
C THR B 289 5.11 -2.95 -35.18
N SER B 290 4.28 -3.11 -34.15
CA SER B 290 4.74 -3.56 -32.82
C SER B 290 5.53 -4.85 -32.84
N THR B 291 6.72 -4.83 -32.24
CA THR B 291 7.58 -6.00 -32.09
C THR B 291 7.21 -6.90 -30.88
N ALA B 292 6.16 -6.53 -30.16
CA ALA B 292 5.65 -7.35 -29.07
C ALA B 292 4.13 -7.30 -29.19
N PRO B 293 3.44 -8.36 -28.77
CA PRO B 293 2.02 -8.46 -29.08
C PRO B 293 1.20 -7.29 -28.61
N GLU B 294 0.34 -6.79 -29.46
CA GLU B 294 -0.47 -5.66 -29.16
C GLU B 294 -1.74 -6.10 -28.56
N PRO B 295 -2.13 -5.53 -27.43
CA PRO B 295 -3.38 -5.94 -26.81
C PRO B 295 -4.57 -5.64 -27.63
N PHE B 296 -4.67 -4.45 -28.16
CA PHE B 296 -5.77 -4.11 -29.01
C PHE B 296 -5.32 -3.45 -30.28
N GLY B 297 -4.91 -2.21 -30.16
CA GLY B 297 -4.46 -1.41 -31.27
C GLY B 297 -5.52 -0.50 -31.81
N ARG B 298 -5.71 0.61 -31.14
CA ARG B 298 -6.73 1.57 -31.48
C ARG B 298 -6.48 2.15 -32.84
N VAL B 299 -5.21 2.34 -33.16
CA VAL B 299 -4.83 2.98 -34.39
C VAL B 299 -5.28 2.15 -35.59
N ILE B 300 -5.20 0.82 -35.43
CA ILE B 300 -5.54 -0.15 -36.45
C ILE B 300 -6.99 0.07 -36.82
N VAL B 301 -7.81 0.22 -35.82
CA VAL B 301 -9.23 0.34 -36.06
C VAL B 301 -9.52 1.69 -36.61
N GLU B 302 -8.82 2.67 -36.07
CA GLU B 302 -9.03 4.07 -36.43
C GLU B 302 -8.78 4.32 -37.96
N ALA B 303 -7.71 3.75 -38.44
CA ALA B 303 -7.34 3.71 -39.82
C ALA B 303 -8.47 3.12 -40.65
N MET B 304 -8.92 1.93 -40.26
CA MET B 304 -10.04 1.28 -40.90
C MET B 304 -11.26 2.16 -40.92
N LEU B 305 -11.53 2.89 -39.86
CA LEU B 305 -12.71 3.78 -39.85
C LEU B 305 -12.52 5.07 -40.68
N CYS B 306 -11.27 5.35 -41.07
CA CYS B 306 -10.96 6.50 -41.92
C CYS B 306 -10.79 6.03 -43.36
N GLY B 307 -11.30 4.85 -43.68
CA GLY B 307 -11.22 4.32 -45.01
C GLY B 307 -9.81 4.05 -45.51
N LYS B 308 -8.87 3.84 -44.62
CA LYS B 308 -7.50 3.72 -45.08
C LYS B 308 -7.06 2.31 -44.99
N PRO B 309 -6.15 1.95 -45.86
CA PRO B 309 -5.64 0.63 -45.80
C PRO B 309 -4.66 0.58 -44.65
N VAL B 310 -4.65 -0.54 -43.94
CA VAL B 310 -3.73 -0.68 -42.83
C VAL B 310 -2.97 -1.98 -42.87
N VAL B 311 -1.68 -1.90 -42.60
CA VAL B 311 -0.87 -3.07 -42.39
C VAL B 311 -0.64 -3.12 -40.87
N ALA B 312 -0.45 -4.32 -40.33
CA ALA B 312 -0.33 -4.54 -38.87
C ALA B 312 0.55 -5.73 -38.55
N ALA B 313 1.10 -5.75 -37.34
CA ALA B 313 1.94 -6.85 -36.86
C ALA B 313 1.04 -8.04 -36.52
N LYS B 314 1.47 -9.23 -36.92
CA LYS B 314 0.67 -10.43 -36.76
C LYS B 314 0.96 -11.04 -35.39
N ALA B 315 0.28 -10.49 -34.38
CA ALA B 315 0.27 -11.03 -33.01
C ALA B 315 -0.73 -10.26 -32.18
N GLY B 316 -1.03 -10.79 -31.00
CA GLY B 316 -1.98 -10.12 -30.13
C GLY B 316 -3.30 -9.86 -30.81
N GLY B 317 -4.01 -8.84 -30.32
CA GLY B 317 -5.33 -8.55 -30.78
C GLY B 317 -5.43 -7.99 -32.19
N ALA B 318 -4.27 -7.72 -32.80
CA ALA B 318 -4.22 -7.29 -34.20
C ALA B 318 -4.87 -8.36 -35.06
N MET B 319 -4.51 -9.62 -34.80
CA MET B 319 -5.04 -10.78 -35.55
C MET B 319 -6.55 -10.91 -35.41
N GLU B 320 -7.16 -10.22 -34.46
CA GLU B 320 -8.58 -10.25 -34.28
C GLU B 320 -9.23 -9.18 -35.06
N LEU B 321 -8.47 -8.13 -35.37
CA LEU B 321 -9.01 -6.94 -35.98
C LEU B 321 -8.94 -7.00 -37.53
N VAL B 322 -7.90 -7.65 -38.00
CA VAL B 322 -7.53 -7.69 -39.37
C VAL B 322 -7.43 -9.11 -39.82
N GLU B 323 -8.08 -9.39 -40.95
CA GLU B 323 -7.76 -10.55 -41.78
C GLU B 323 -6.99 -10.15 -43.06
N HIS B 324 -5.82 -10.74 -43.21
CA HIS B 324 -4.84 -10.38 -44.22
C HIS B 324 -5.39 -10.51 -45.61
N GLY B 325 -5.50 -9.41 -46.30
CA GLY B 325 -5.98 -9.44 -47.66
C GLY B 325 -7.47 -9.19 -47.79
N VAL B 326 -8.16 -8.95 -46.67
CA VAL B 326 -9.60 -8.67 -46.75
C VAL B 326 -9.98 -7.31 -46.24
N ASN B 327 -9.39 -6.91 -45.11
CA ASN B 327 -9.63 -5.57 -44.55
C ASN B 327 -8.35 -4.96 -44.04
N GLY B 328 -7.22 -5.52 -44.45
CA GLY B 328 -5.94 -5.00 -43.99
C GLY B 328 -4.90 -6.03 -44.32
N PHE B 329 -3.67 -5.81 -43.84
CA PHE B 329 -2.58 -6.74 -44.08
C PHE B 329 -1.94 -7.08 -42.75
N LEU B 330 -1.12 -8.12 -42.72
CA LEU B 330 -0.52 -8.60 -41.49
C LEU B 330 0.85 -9.14 -41.81
N THR B 331 1.87 -8.73 -41.05
CA THR B 331 3.24 -9.15 -41.33
C THR B 331 3.92 -9.69 -40.09
N THR B 332 4.97 -10.46 -40.29
CA THR B 332 5.74 -11.00 -39.20
C THR B 332 6.42 -9.86 -38.38
N PRO B 333 6.19 -9.84 -37.06
CA PRO B 333 6.73 -8.77 -36.24
C PRO B 333 8.25 -8.70 -36.32
N GLY B 334 8.78 -7.50 -36.44
CA GLY B 334 10.23 -7.31 -36.52
C GLY B 334 10.86 -7.54 -37.89
N GLU B 335 10.04 -7.92 -38.89
CA GLU B 335 10.49 -8.21 -40.27
C GLU B 335 10.21 -7.03 -41.22
N SER B 336 11.22 -6.18 -41.40
CA SER B 336 11.09 -4.96 -42.22
C SER B 336 10.84 -5.26 -43.70
N GLN B 337 11.54 -6.28 -44.23
CA GLN B 337 11.41 -6.65 -45.65
C GLN B 337 9.97 -7.00 -45.98
N GLU B 338 9.36 -7.78 -45.11
CA GLU B 338 7.97 -8.16 -45.25
C GLU B 338 7.05 -6.95 -45.27
N LEU B 339 7.37 -5.96 -44.45
CA LEU B 339 6.58 -4.73 -44.37
C LEU B 339 6.74 -3.92 -45.66
N ALA B 340 7.97 -3.88 -46.15
CA ALA B 340 8.28 -3.22 -47.41
C ALA B 340 7.45 -3.82 -48.57
N ASN B 341 7.49 -5.14 -48.70
CA ASN B 341 6.73 -5.82 -49.77
C ASN B 341 5.26 -5.42 -49.79
N ILE B 342 4.71 -5.10 -48.62
CA ILE B 342 3.28 -4.71 -48.52
C ILE B 342 3.09 -3.28 -48.96
N ILE B 343 4.04 -2.44 -48.59
CA ILE B 343 3.98 -1.05 -48.97
C ILE B 343 4.04 -1.01 -50.48
N ASN B 344 5.04 -1.66 -51.05
CA ASN B 344 5.19 -1.73 -52.53
C ASN B 344 3.97 -2.32 -53.24
N THR B 345 3.38 -3.36 -52.67
CA THR B 345 2.15 -3.91 -53.22
C THR B 345 1.02 -2.88 -53.18
N CYS B 346 1.00 -2.05 -52.17
CA CYS B 346 -0.02 -1.04 -52.11
C CYS B 346 0.14 -0.02 -53.20
N ILE B 347 1.38 0.26 -53.53
CA ILE B 347 1.63 1.25 -54.54
C ILE B 347 1.06 0.79 -55.86
N GLU B 348 1.36 -0.44 -56.22
CA GLU B 348 0.89 -0.98 -57.48
C GLU B 348 -0.56 -1.32 -57.62
N ASP B 349 -1.10 -2.07 -56.68
CA ASP B 349 -2.44 -2.57 -56.84
C ASP B 349 -3.40 -1.59 -56.31
N THR B 350 -3.52 -0.49 -57.02
CA THR B 350 -4.28 0.60 -56.53
C THR B 350 -5.69 0.19 -56.30
N GLN B 351 -6.22 -0.64 -57.17
CA GLN B 351 -7.67 -0.89 -57.22
C GLN B 351 -8.02 -1.82 -56.09
N LYS B 352 -7.17 -2.83 -55.93
CA LYS B 352 -7.30 -3.84 -54.88
C LYS B 352 -7.21 -3.18 -53.51
N THR B 353 -6.11 -2.47 -53.30
CA THR B 353 -5.87 -1.75 -52.06
C THR B 353 -7.06 -0.89 -51.66
N ALA B 354 -7.66 -0.20 -52.60
CA ALA B 354 -8.74 0.70 -52.23
C ALA B 354 -9.99 -0.08 -51.89
N THR B 355 -10.05 -1.33 -52.35
CA THR B 355 -11.25 -2.15 -52.11
C THR B 355 -11.22 -2.66 -50.66
N ILE B 356 -10.10 -3.31 -50.36
CA ILE B 356 -9.71 -3.67 -49.04
C ILE B 356 -9.96 -2.54 -48.03
N ALA B 357 -9.50 -1.32 -48.36
CA ALA B 357 -9.64 -0.16 -47.45
C ALA B 357 -11.09 0.28 -47.30
N SER B 358 -11.88 0.08 -48.33
CA SER B 358 -13.29 0.51 -48.23
C SER B 358 -14.15 -0.56 -47.55
N ASN B 359 -13.79 -1.81 -47.80
CA ASN B 359 -14.40 -2.90 -47.05
C ASN B 359 -14.09 -2.76 -45.55
N ALA B 360 -12.79 -2.59 -45.26
CA ALA B 360 -12.32 -2.43 -43.89
C ALA B 360 -13.14 -1.40 -43.15
N GLN B 361 -13.50 -0.32 -43.80
CA GLN B 361 -14.31 0.70 -43.15
C GLN B 361 -15.69 0.20 -42.81
N ALA B 362 -16.26 -0.63 -43.68
CA ALA B 362 -17.66 -1.07 -43.55
C ALA B 362 -17.79 -2.06 -42.39
N ILE B 363 -16.92 -3.06 -42.47
CA ILE B 363 -16.76 -4.10 -41.49
C ILE B 363 -16.43 -3.54 -40.12
N ALA B 364 -15.39 -2.69 -40.04
CA ALA B 364 -14.93 -2.13 -38.77
C ALA B 364 -15.96 -1.23 -38.13
N SER B 365 -16.83 -0.66 -38.92
CA SER B 365 -17.82 0.26 -38.37
C SER B 365 -18.97 -0.53 -37.77
N GLN B 366 -18.98 -1.85 -37.98
CA GLN B 366 -19.98 -2.72 -37.39
C GLN B 366 -19.54 -3.22 -36.02
N ARG B 367 -18.39 -3.89 -35.99
CA ARG B 367 -17.82 -4.32 -34.74
C ARG B 367 -17.66 -3.20 -33.71
N PHE B 368 -17.11 -2.05 -34.09
CA PHE B 368 -16.50 -1.14 -33.09
C PHE B 368 -17.18 0.18 -32.93
N ASP B 369 -18.45 0.25 -33.29
CA ASP B 369 -19.19 1.49 -33.15
C ASP B 369 -19.32 1.72 -31.67
N VAL B 370 -18.93 2.89 -31.19
CA VAL B 370 -19.08 3.21 -29.77
C VAL B 370 -20.52 3.02 -29.23
N VAL B 371 -21.51 3.08 -30.09
CA VAL B 371 -22.91 2.98 -29.64
C VAL B 371 -23.22 1.53 -29.22
N THR B 372 -22.67 0.59 -29.98
CA THR B 372 -22.89 -0.81 -29.75
C THR B 372 -22.00 -1.33 -28.59
N ILE B 373 -20.83 -0.70 -28.40
CA ILE B 373 -19.94 -1.05 -27.31
C ILE B 373 -20.50 -0.51 -25.99
N ASN B 374 -21.09 0.67 -26.02
CA ASN B 374 -21.61 1.27 -24.79
C ASN B 374 -22.79 0.50 -24.25
N GLN B 375 -23.58 -0.08 -25.13
CA GLN B 375 -24.72 -0.88 -24.68
C GLN B 375 -24.23 -2.28 -24.29
N GLN B 376 -23.17 -2.75 -24.92
CA GLN B 376 -22.58 -4.02 -24.55
C GLN B 376 -21.99 -3.92 -23.11
N ILE B 377 -21.44 -2.77 -22.78
CA ILE B 377 -20.94 -2.47 -21.45
C ILE B 377 -22.05 -2.29 -20.42
N ALA B 378 -23.05 -1.45 -20.71
CA ALA B 378 -24.11 -1.12 -19.72
C ALA B 378 -24.93 -2.33 -19.34
N GLU B 379 -25.10 -3.23 -20.30
CA GLU B 379 -25.75 -4.49 -20.09
C GLU B 379 -24.87 -5.36 -19.18
N THR B 380 -23.57 -5.35 -19.45
CA THR B 380 -22.63 -6.10 -18.63
C THR B 380 -22.62 -5.59 -17.18
N LEU B 381 -22.68 -4.28 -17.01
CA LEU B 381 -22.65 -3.69 -15.68
C LEU B 381 -23.90 -3.95 -14.85
N SER B 382 -25.07 -3.82 -15.47
CA SER B 382 -26.29 -3.92 -14.71
C SER B 382 -26.57 -5.39 -14.34
N SER B 383 -25.85 -6.34 -14.95
CA SER B 383 -26.06 -7.73 -14.63
C SER B 383 -25.15 -8.20 -13.48
N LEU B 384 -25.13 -7.45 -12.38
CA LEU B 384 -24.42 -7.88 -11.16
C LEU B 384 -24.84 -7.12 -9.88
C1 GLC C . 1.71 -2.93 23.97
C2 GLC C . 0.80 -2.63 25.15
C3 GLC C . 1.42 -2.97 26.51
C4 GLC C . 2.33 -4.16 26.35
C5 GLC C . 3.50 -3.78 25.49
C6 GLC C . 4.47 -4.98 25.41
O1 GLC C . 1.96 -1.73 23.22
O2 GLC C . 0.22 -1.32 25.05
O3 GLC C . 0.42 -3.31 27.49
O4 GLC C . 2.95 -4.46 27.58
O5 GLC C . 2.91 -3.69 24.24
O6 GLC C . 3.79 -6.14 24.90
N1 UDP D . 9.50 3.02 30.14
C2 UDP D . 10.64 3.83 30.18
N3 UDP D . 10.55 5.12 30.53
C4 UDP D . 9.36 5.64 30.86
C5 UDP D . 8.22 4.87 30.83
C6 UDP D . 8.30 3.53 30.47
O2 UDP D . 11.76 3.35 29.87
O4 UDP D . 9.29 6.85 31.19
C1' UDP D . 9.60 1.61 29.75
C2' UDP D . 9.28 0.72 30.94
O2' UDP D . 10.39 -0.14 31.24
C3' UDP D . 8.08 -0.11 30.53
C4' UDP D . 7.74 0.30 29.11
O4' UDP D . 8.66 1.32 28.71
O3' UDP D . 8.41 -1.51 30.56
C5' UDP D . 6.32 0.85 29.03
O5' UDP D . 5.46 -0.12 28.41
PA UDP D . 3.99 -0.41 29.00
O1A UDP D . 4.00 -0.08 30.48
O2A UDP D . 3.56 -1.78 28.53
O3A UDP D . 3.10 0.69 28.25
PB UDP D . 2.97 0.69 26.64
O1B UDP D . 3.63 1.99 26.23
O2B UDP D . 3.74 -0.55 26.22
O3B UDP D . 1.49 0.62 26.38
S SO4 E . 3.52 5.45 14.19
O1 SO4 E . 2.26 4.75 14.53
O2 SO4 E . 3.18 6.88 14.24
O3 SO4 E . 4.61 5.15 15.16
O4 SO4 E . 3.97 5.00 12.84
S SO4 F . 9.21 9.27 4.88
O1 SO4 F . 8.41 10.48 5.18
O2 SO4 F . 10.48 9.29 5.63
O3 SO4 F . 8.38 8.09 5.25
O4 SO4 F . 9.53 9.16 3.43
S SO4 G . 25.84 -7.97 25.09
O1 SO4 G . 25.78 -7.01 23.93
O2 SO4 G . 26.66 -7.32 26.14
O3 SO4 G . 26.47 -9.25 24.74
O4 SO4 G . 24.47 -8.23 25.59
S SO4 H . -14.93 -8.16 6.92
O1 SO4 H . -14.79 -7.04 5.97
O2 SO4 H . -14.42 -7.79 8.25
O3 SO4 H . -14.13 -9.30 6.42
O4 SO4 H . -16.38 -8.47 7.07
S SO4 I . -9.63 13.22 31.05
O1 SO4 I . -10.08 14.25 30.10
O2 SO4 I . -8.49 13.76 31.81
O3 SO4 I . -10.78 12.86 31.93
O4 SO4 I . -9.17 12.02 30.28
C1 GLC J . -4.41 -0.43 -24.10
C2 GLC J . -3.66 -1.46 -24.95
C3 GLC J . -3.94 -1.37 -26.45
C4 GLC J . -5.39 -0.97 -26.73
C5 GLC J . -5.92 0.16 -25.83
C6 GLC J . -7.15 -0.30 -25.06
O1 GLC J . -3.53 0.11 -23.12
O2 GLC J . -2.25 -1.31 -24.72
O3 GLC J . -3.65 -2.62 -27.06
O4 GLC J . -5.51 -0.59 -28.10
O5 GLC J . -4.93 0.62 -24.91
O6 GLC J . -8.28 -0.34 -25.94
N1 UDP K . -2.92 8.97 -30.38
C2 UDP K . -2.91 10.39 -30.35
N3 UDP K . -1.77 11.06 -30.56
C4 UDP K . -0.63 10.42 -30.79
C5 UDP K . -0.61 9.02 -30.83
C6 UDP K . -1.79 8.31 -30.61
O2 UDP K . -3.97 11.01 -30.14
O4 UDP K . 0.43 11.06 -30.98
C1' UDP K . -4.17 8.25 -30.16
C2' UDP K . -4.51 7.43 -31.39
O2' UDP K . -5.79 7.81 -31.89
C3' UDP K . -4.53 5.98 -30.94
C4' UDP K . -4.21 5.98 -29.46
O4' UDP K . -4.00 7.34 -29.06
O3' UDP K . -5.83 5.42 -31.15
C5' UDP K . -2.95 5.17 -29.17
O5' UDP K . -3.30 3.98 -28.47
PA UDP K . -2.89 2.54 -29.05
O1A UDP K . -2.58 2.70 -30.53
O2A UDP K . -3.92 1.53 -28.61
O3A UDP K . -1.51 2.22 -28.28
PB UDP K . -1.43 2.37 -26.68
O1B UDP K . -0.99 3.80 -26.46
O2B UDP K . -2.83 2.07 -26.21
O3B UDP K . -0.40 1.34 -26.27
S SO4 L . 2.10 5.97 -14.54
O1 SO4 L . 1.28 5.91 -13.31
O2 SO4 L . 2.47 7.40 -14.76
O3 SO4 L . 1.29 5.53 -15.71
O4 SO4 L . 3.31 5.11 -14.42
S SO4 M . 2.54 12.83 -5.42
O1 SO4 M . 1.35 12.28 -4.74
O2 SO4 M . 2.20 14.17 -5.93
O3 SO4 M . 3.66 12.92 -4.44
O4 SO4 M . 2.95 11.95 -6.53
S SO4 N . 1.36 -17.07 -6.91
O1 SO4 N . 0.77 -16.48 -5.68
O2 SO4 N . 0.77 -16.35 -8.07
O3 SO4 N . 1.04 -18.51 -6.99
O4 SO4 N . 2.83 -16.97 -6.93
S SO4 O . -20.60 16.72 -25.32
O1 SO4 O . -21.91 17.07 -24.73
O2 SO4 O . -20.04 17.87 -26.09
O3 SO4 O . -19.64 16.41 -24.25
O4 SO4 O . -20.74 15.50 -26.16
C1 GOL P . -12.46 -9.46 -39.66
O1 GOL P . -11.15 -8.92 -39.39
C2 GOL P . -13.56 -8.80 -38.81
O2 GOL P . -13.25 -7.40 -38.74
C3 GOL P . -14.96 -9.06 -39.41
O3 GOL P . -16.06 -8.43 -38.69
#